data_5OLP
#
_entry.id   5OLP
#
_cell.length_a   127.545
_cell.length_b   127.545
_cell.length_c   263.641
_cell.angle_alpha   90.00
_cell.angle_beta   90.00
_cell.angle_gamma   90.00
#
_symmetry.space_group_name_H-M   'I 4 2 2'
#
loop_
_entity.id
_entity.type
_entity.pdbx_description
1 polymer 'Pectate lyase'
2 non-polymer 'CALCIUM ION'
3 water water
#
_entity_poly.entity_id   1
_entity_poly.type   'polypeptide(L)'
_entity_poly.pdbx_seq_one_letter_code
;(MSE)GSSHHHHHHSSGPQQGLRQYKTVKVKAPFP(MSE)QPIKVFIYPDRDFKITDFGAVPGGEVDNTKAIAAAIDACN
KAGGGRVVVPAGIWLTGPVHFKSNINLCLEEDAVLSFTDNPEDYLPAV(MSE)TSWEGLECYNYSPLLYAFECENVAISG
KGTLQPK(MSE)GTWKVWFKRPAPHLQALKELYTKASTNVPVIERQ(MSE)AIGENHLRPHLIHFNRCKNV(MSE)LDGF
KIRESPFWTIHLY(MSE)CDGGIVRNLDVRAHGHNNDGIDFE(MSE)SRNFLVEDCSFDQGDDAVVIKAGRNQDAWRLNT
PCENIVIRNCRILKGHTLLGIGSEISGGIRNIY(MSE)HDCTAPNSV(MSE)RLFFVKTNHRRGGFIENIY(MSE)KNVA
SGTAQRVLEIDTEVLYQWKDLVPTYEKRITRIDGIY(MSE)DKVTCESADAVYELKGNAELPVKNVRIKDVKVGSVKKFV
KKVSNVENVVEKNVTYSQKD
;
_entity_poly.pdbx_strand_id   A,B
#
# COMPACT_ATOMS: atom_id res chain seq x y z
N GLN A 20 -12.00 -5.06 -8.03
CA GLN A 20 -11.14 -5.83 -8.99
C GLN A 20 -10.03 -5.01 -9.64
N TYR A 21 -8.85 -5.62 -9.76
CA TYR A 21 -7.64 -4.94 -10.20
C TYR A 21 -6.76 -5.85 -11.06
N LYS A 22 -6.10 -5.25 -12.05
CA LYS A 22 -4.85 -5.81 -12.59
C LYS A 22 -3.71 -5.32 -11.69
N THR A 23 -2.49 -5.79 -11.95
CA THR A 23 -1.29 -5.22 -11.33
C THR A 23 -0.20 -5.13 -12.40
N VAL A 24 0.58 -4.04 -12.38
CA VAL A 24 1.63 -3.77 -13.38
C VAL A 24 2.99 -3.80 -12.70
N LYS A 25 3.90 -4.61 -13.25
CA LYS A 25 5.24 -4.82 -12.68
C LYS A 25 6.18 -3.82 -13.30
N VAL A 26 7.08 -3.30 -12.47
CA VAL A 26 8.00 -2.25 -12.88
C VAL A 26 9.37 -2.56 -12.32
N LYS A 27 10.37 -2.63 -13.19
CA LYS A 27 11.74 -2.88 -12.76
C LYS A 27 12.42 -1.57 -12.39
N ALA A 28 13.26 -1.63 -11.38
CA ALA A 28 14.01 -0.46 -10.89
C ALA A 28 15.20 -0.93 -10.03
N PRO A 29 16.19 -0.04 -9.79
CA PRO A 29 17.32 -0.36 -8.88
C PRO A 29 16.98 -0.32 -7.39
N PHE A 30 15.73 -0.02 -7.05
CA PHE A 30 15.24 -0.09 -5.70
C PHE A 30 13.96 -0.92 -5.71
N PRO A 31 13.55 -1.39 -4.53
CA PRO A 31 12.26 -2.09 -4.43
C PRO A 31 11.04 -1.27 -4.88
N GLN A 33 6.89 -2.00 -5.57
CA GLN A 33 5.71 -2.88 -5.57
C GLN A 33 4.95 -2.78 -6.90
N PRO A 34 4.21 -3.83 -7.28
CA PRO A 34 3.46 -3.69 -8.54
C PRO A 34 2.26 -2.74 -8.32
N ILE A 35 1.84 -2.07 -9.38
CA ILE A 35 0.93 -0.95 -9.28
C ILE A 35 -0.50 -1.40 -9.59
N LYS A 36 -1.41 -1.21 -8.64
CA LYS A 36 -2.83 -1.59 -8.84
C LYS A 36 -3.52 -0.69 -9.89
N VAL A 37 -4.24 -1.33 -10.82
CA VAL A 37 -5.00 -0.66 -11.89
C VAL A 37 -6.46 -1.13 -11.83
N PHE A 38 -7.35 -0.21 -11.48
CA PHE A 38 -8.77 -0.50 -11.30
C PHE A 38 -9.42 -0.89 -12.65
N ILE A 39 -10.24 -1.93 -12.63
CA ILE A 39 -11.06 -2.31 -13.78
C ILE A 39 -12.44 -1.72 -13.53
N TYR A 40 -12.85 -0.75 -14.32
CA TYR A 40 -14.08 -0.02 -14.00
C TYR A 40 -15.30 -0.90 -14.29
N PRO A 41 -16.38 -0.79 -13.49
CA PRO A 41 -17.62 -1.41 -13.93
C PRO A 41 -18.02 -0.98 -15.34
N ASP A 42 -18.58 -1.91 -16.09
CA ASP A 42 -18.95 -1.67 -17.47
C ASP A 42 -20.30 -0.91 -17.57
N ARG A 43 -20.28 0.37 -17.18
CA ARG A 43 -21.44 1.26 -17.20
C ARG A 43 -21.02 2.63 -17.76
N ASP A 44 -21.88 3.23 -18.59
CA ASP A 44 -21.62 4.54 -19.22
C ASP A 44 -22.67 5.58 -18.85
N PHE A 45 -22.22 6.69 -18.27
CA PHE A 45 -23.11 7.80 -17.90
C PHE A 45 -22.80 9.00 -18.81
N LYS A 46 -23.60 9.13 -19.88
CA LYS A 46 -23.40 10.12 -20.92
C LYS A 46 -23.83 11.47 -20.41
N ILE A 47 -22.98 12.48 -20.54
CA ILE A 47 -23.30 13.78 -19.95
C ILE A 47 -24.56 14.46 -20.57
N THR A 48 -24.84 14.15 -21.84
CA THR A 48 -26.07 14.63 -22.51
C THR A 48 -27.36 14.08 -21.89
N ASP A 49 -27.30 12.90 -21.26
CA ASP A 49 -28.46 12.43 -20.48
C ASP A 49 -28.72 13.21 -19.20
N PHE A 50 -27.79 14.06 -18.78
CA PHE A 50 -28.00 14.92 -17.59
C PHE A 50 -28.09 16.40 -17.96
N GLY A 51 -28.35 16.68 -19.24
CA GLY A 51 -28.64 18.04 -19.70
C GLY A 51 -27.51 18.78 -20.40
N ALA A 52 -26.40 18.09 -20.70
CA ALA A 52 -25.27 18.78 -21.35
C ALA A 52 -25.57 19.15 -22.80
N VAL A 53 -25.05 20.30 -23.23
CA VAL A 53 -25.24 20.79 -24.59
C VAL A 53 -23.92 21.26 -25.18
N PRO A 54 -23.61 20.82 -26.42
CA PRO A 54 -22.34 21.21 -27.05
C PRO A 54 -22.35 22.60 -27.73
N GLY A 55 -21.20 22.97 -28.29
CA GLY A 55 -21.04 24.22 -29.03
C GLY A 55 -20.19 25.26 -28.34
N GLY A 56 -19.89 25.07 -27.05
CA GLY A 56 -18.96 25.93 -26.32
C GLY A 56 -19.53 27.19 -25.70
N GLU A 57 -20.86 27.31 -25.66
CA GLU A 57 -21.52 28.44 -25.00
C GLU A 57 -22.45 28.06 -23.83
N VAL A 58 -23.14 26.92 -23.91
CA VAL A 58 -23.91 26.38 -22.77
C VAL A 58 -22.93 25.89 -21.68
N ASP A 59 -23.18 26.29 -20.44
CA ASP A 59 -22.34 25.91 -19.30
C ASP A 59 -22.73 24.53 -18.75
N ASN A 60 -21.83 23.54 -18.89
CA ASN A 60 -22.16 22.16 -18.52
C ASN A 60 -21.70 21.67 -17.14
N THR A 61 -21.27 22.58 -16.27
CA THR A 61 -20.81 22.28 -14.91
C THR A 61 -21.80 21.39 -14.15
N LYS A 62 -23.09 21.76 -14.16
CA LYS A 62 -24.13 21.03 -13.42
C LYS A 62 -24.43 19.66 -14.03
N ALA A 63 -24.51 19.59 -15.36
CA ALA A 63 -24.71 18.30 -16.03
C ALA A 63 -23.59 17.29 -15.71
N ILE A 64 -22.35 17.75 -15.73
CA ILE A 64 -21.20 16.86 -15.44
C ILE A 64 -21.24 16.37 -14.00
N ALA A 65 -21.47 17.30 -13.07
CA ALA A 65 -21.68 16.97 -11.64
C ALA A 65 -22.82 15.96 -11.37
N ALA A 66 -23.93 16.09 -12.09
CA ALA A 66 -25.08 15.14 -11.97
C ALA A 66 -24.74 13.74 -12.49
N ALA A 67 -24.02 13.67 -13.60
CA ALA A 67 -23.50 12.39 -14.11
C ALA A 67 -22.51 11.72 -13.12
N ILE A 68 -21.64 12.52 -12.52
CA ILE A 68 -20.69 12.00 -11.54
C ILE A 68 -21.43 11.48 -10.30
N ASP A 69 -22.46 12.20 -9.84
CA ASP A 69 -23.21 11.75 -8.66
C ASP A 69 -23.92 10.38 -8.91
N ALA A 70 -24.54 10.25 -10.09
CA ALA A 70 -25.24 9.02 -10.49
C ALA A 70 -24.28 7.84 -10.66
N CYS A 71 -23.14 8.07 -11.32
CA CYS A 71 -22.13 7.03 -11.50
C CYS A 71 -21.60 6.49 -10.16
N ASN A 72 -21.15 7.39 -9.29
CA ASN A 72 -20.67 7.00 -7.95
C ASN A 72 -21.76 6.28 -7.12
N LYS A 73 -23.01 6.76 -7.15
CA LYS A 73 -24.11 6.09 -6.42
C LYS A 73 -24.35 4.67 -6.92
N ALA A 74 -24.18 4.46 -8.22
CA ALA A 74 -24.33 3.15 -8.82
C ALA A 74 -23.15 2.20 -8.60
N GLY A 75 -22.08 2.65 -7.95
CA GLY A 75 -20.92 1.80 -7.70
C GLY A 75 -19.76 2.07 -8.64
N GLY A 76 -19.87 3.06 -9.52
CA GLY A 76 -18.78 3.44 -10.43
C GLY A 76 -18.98 3.09 -11.89
N GLY A 77 -18.02 3.48 -12.72
CA GLY A 77 -18.12 3.36 -14.18
C GLY A 77 -17.51 4.56 -14.88
N ARG A 78 -17.92 4.80 -16.14
CA ARG A 78 -17.43 5.92 -16.95
C ARG A 78 -18.43 7.10 -17.02
N VAL A 79 -17.93 8.33 -16.86
CA VAL A 79 -18.69 9.56 -17.17
C VAL A 79 -18.17 9.98 -18.53
N VAL A 80 -19.02 9.99 -19.55
CA VAL A 80 -18.53 10.14 -20.93
C VAL A 80 -18.85 11.50 -21.57
N VAL A 81 -17.79 12.17 -22.05
CA VAL A 81 -17.89 13.38 -22.87
C VAL A 81 -17.72 12.98 -24.33
N PRO A 82 -18.81 13.04 -25.12
CA PRO A 82 -18.72 12.63 -26.51
C PRO A 82 -18.10 13.70 -27.40
N ALA A 83 -17.94 13.40 -28.69
CA ALA A 83 -17.43 14.37 -29.69
C ALA A 83 -18.21 15.68 -29.68
N GLY A 84 -17.49 16.80 -29.83
CA GLY A 84 -18.01 18.15 -29.78
C GLY A 84 -17.23 19.01 -28.79
N ILE A 85 -17.55 20.30 -28.70
CA ILE A 85 -16.96 21.22 -27.73
C ILE A 85 -17.95 21.48 -26.60
N TRP A 86 -17.51 21.30 -25.35
CA TRP A 86 -18.37 21.38 -24.19
C TRP A 86 -17.78 22.37 -23.20
N LEU A 87 -18.45 23.50 -23.00
CA LEU A 87 -18.02 24.50 -22.01
C LEU A 87 -18.36 24.04 -20.59
N THR A 88 -17.45 24.24 -19.65
CA THR A 88 -17.67 23.86 -18.24
C THR A 88 -16.81 24.70 -17.28
N GLY A 89 -17.31 24.83 -16.05
CA GLY A 89 -16.50 25.26 -14.92
C GLY A 89 -15.76 24.03 -14.35
N PRO A 90 -15.47 24.04 -13.05
CA PRO A 90 -14.66 22.93 -12.50
C PRO A 90 -15.39 21.58 -12.45
N VAL A 91 -14.61 20.51 -12.53
CA VAL A 91 -15.15 19.16 -12.42
C VAL A 91 -14.61 18.58 -11.12
N HIS A 92 -15.50 18.16 -10.23
CA HIS A 92 -15.09 17.60 -8.92
C HIS A 92 -15.37 16.11 -8.90
N PHE A 93 -14.32 15.31 -8.74
CA PHE A 93 -14.43 13.85 -8.77
C PHE A 93 -15.04 13.31 -7.48
N LYS A 94 -15.68 12.14 -7.61
CA LYS A 94 -15.90 11.26 -6.47
C LYS A 94 -15.23 9.93 -6.78
N SER A 95 -15.22 9.02 -5.81
CA SER A 95 -14.55 7.73 -5.99
C SER A 95 -15.19 6.86 -7.09
N ASN A 96 -14.35 6.05 -7.72
CA ASN A 96 -14.74 5.05 -8.72
C ASN A 96 -15.29 5.60 -10.06
N ILE A 97 -14.80 6.78 -10.44
CA ILE A 97 -15.19 7.52 -11.66
C ILE A 97 -14.03 7.51 -12.65
N ASN A 98 -14.30 7.17 -13.91
CA ASN A 98 -13.39 7.35 -15.03
C ASN A 98 -14.00 8.41 -16.00
N LEU A 99 -13.39 9.60 -16.05
CA LEU A 99 -13.84 10.64 -16.99
C LEU A 99 -13.24 10.34 -18.36
N CYS A 100 -14.12 9.95 -19.28
CA CYS A 100 -13.73 9.50 -20.60
C CYS A 100 -13.96 10.60 -21.61
N LEU A 101 -12.90 11.03 -22.27
CA LEU A 101 -12.95 12.03 -23.33
C LEU A 101 -12.86 11.26 -24.66
N GLU A 102 -13.95 11.19 -25.40
CA GLU A 102 -13.97 10.43 -26.65
C GLU A 102 -13.15 11.19 -27.69
N GLU A 103 -12.84 10.50 -28.78
CA GLU A 103 -12.13 11.13 -29.88
C GLU A 103 -12.93 12.31 -30.43
N ASP A 104 -12.24 13.43 -30.68
CA ASP A 104 -12.86 14.70 -31.06
C ASP A 104 -13.76 15.36 -29.99
N ALA A 105 -13.70 14.91 -28.74
CA ALA A 105 -14.27 15.65 -27.62
C ALA A 105 -13.26 16.72 -27.13
N VAL A 106 -13.77 17.91 -26.79
CA VAL A 106 -12.99 19.01 -26.24
C VAL A 106 -13.72 19.54 -25.02
N LEU A 107 -13.11 19.40 -23.84
CA LEU A 107 -13.56 20.13 -22.64
C LEU A 107 -12.95 21.51 -22.60
N SER A 108 -13.80 22.51 -22.79
CA SER A 108 -13.44 23.91 -22.82
C SER A 108 -13.77 24.53 -21.46
N PHE A 109 -12.76 24.91 -20.69
CA PHE A 109 -12.99 25.49 -19.37
C PHE A 109 -13.13 27.01 -19.40
N THR A 110 -14.12 27.52 -18.64
CA THR A 110 -14.33 28.97 -18.57
C THR A 110 -13.13 29.63 -17.87
N ASP A 111 -12.94 30.92 -18.17
CA ASP A 111 -11.92 31.77 -17.50
C ASP A 111 -12.55 32.86 -16.61
N ASN A 112 -13.75 32.57 -16.08
CA ASN A 112 -14.45 33.44 -15.14
C ASN A 112 -14.17 33.00 -13.72
N PRO A 113 -13.39 33.80 -12.96
CA PRO A 113 -12.96 33.32 -11.62
C PRO A 113 -14.07 32.90 -10.66
N GLU A 114 -15.22 33.57 -10.76
CA GLU A 114 -16.38 33.24 -9.93
C GLU A 114 -16.95 31.81 -10.14
N ASP A 115 -16.76 31.21 -11.32
CA ASP A 115 -17.15 29.79 -11.54
C ASP A 115 -16.31 28.80 -10.69
N TYR A 116 -15.15 29.25 -10.22
CA TYR A 116 -14.27 28.40 -9.41
C TYR A 116 -14.36 28.67 -7.89
N LEU A 117 -15.43 29.37 -7.46
CA LEU A 117 -15.76 29.49 -6.05
C LEU A 117 -16.92 28.54 -5.69
N PRO A 118 -17.04 28.10 -4.44
CA PRO A 118 -16.19 28.49 -3.31
C PRO A 118 -14.81 27.82 -3.31
N ALA A 119 -13.90 28.35 -2.51
CA ALA A 119 -12.55 27.85 -2.44
C ALA A 119 -12.53 26.43 -1.83
N VAL A 120 -11.51 25.66 -2.24
CA VAL A 120 -11.34 24.28 -1.80
C VAL A 120 -9.91 24.14 -1.26
N THR A 122 -6.25 22.93 -1.13
CA THR A 122 -5.27 22.64 -2.19
C THR A 122 -3.86 23.00 -1.67
N SER A 123 -2.90 23.06 -2.58
CA SER A 123 -1.54 23.49 -2.28
C SER A 123 -1.07 24.32 -3.46
N TRP A 124 -0.44 25.47 -3.20
CA TRP A 124 -0.04 26.41 -4.25
C TRP A 124 1.44 26.79 -4.07
N GLU A 125 2.27 26.44 -5.05
CA GLU A 125 3.74 26.59 -4.98
C GLU A 125 4.33 26.04 -3.69
N GLY A 126 3.83 24.88 -3.25
CA GLY A 126 4.36 24.14 -2.10
C GLY A 126 3.88 24.55 -0.70
N LEU A 127 2.76 25.27 -0.64
CA LEU A 127 2.15 25.81 0.59
C LEU A 127 0.65 25.50 0.58
N GLU A 128 0.16 24.79 1.59
CA GLU A 128 -1.26 24.39 1.66
C GLU A 128 -2.15 25.59 1.92
N CYS A 129 -3.30 25.63 1.27
CA CYS A 129 -4.24 26.75 1.43
C CYS A 129 -5.62 26.40 0.90
N TYR A 130 -6.58 27.33 1.00
CA TYR A 130 -7.87 27.27 0.27
C TYR A 130 -7.78 28.26 -0.87
N ASN A 131 -8.07 27.82 -2.09
CA ASN A 131 -7.99 28.69 -3.28
C ASN A 131 -9.06 28.30 -4.26
N TYR A 132 -9.21 29.10 -5.32
CA TYR A 132 -10.06 28.79 -6.48
C TYR A 132 -9.90 27.33 -6.87
N SER A 133 -11.03 26.67 -7.17
CA SER A 133 -11.00 25.25 -7.47
C SER A 133 -10.11 24.99 -8.68
N PRO A 134 -9.24 23.97 -8.59
CA PRO A 134 -8.62 23.42 -9.80
C PRO A 134 -9.69 23.02 -10.81
N LEU A 135 -9.32 23.05 -12.09
CA LEU A 135 -10.29 22.77 -13.16
C LEU A 135 -10.79 21.30 -13.12
N LEU A 136 -9.88 20.40 -12.76
CA LEU A 136 -10.20 18.99 -12.53
C LEU A 136 -9.67 18.63 -11.14
N TYR A 137 -10.57 18.42 -10.19
CA TYR A 137 -10.21 18.37 -8.74
C TYR A 137 -10.68 17.07 -8.12
N ALA A 138 -9.79 16.38 -7.42
CA ALA A 138 -10.15 15.17 -6.66
C ALA A 138 -9.49 15.28 -5.31
N PHE A 139 -10.27 15.09 -4.25
CA PHE A 139 -9.77 15.20 -2.88
C PHE A 139 -10.21 13.98 -2.08
N GLU A 140 -9.22 13.23 -1.56
CA GLU A 140 -9.44 11.98 -0.83
C GLU A 140 -10.35 10.97 -1.52
N CYS A 141 -10.17 10.80 -2.83
CA CYS A 141 -10.88 9.75 -3.57
C CYS A 141 -10.00 8.54 -3.81
N GLU A 142 -10.64 7.41 -4.10
CA GLU A 142 -9.90 6.25 -4.59
C GLU A 142 -10.44 5.84 -5.96
N ASN A 143 -9.56 5.31 -6.82
CA ASN A 143 -9.93 4.78 -8.14
C ASN A 143 -10.50 5.87 -9.09
N VAL A 144 -9.72 6.92 -9.34
CA VAL A 144 -10.15 8.03 -10.19
C VAL A 144 -9.30 8.04 -11.44
N ALA A 145 -9.90 8.36 -12.57
CA ALA A 145 -9.21 8.32 -13.85
C ALA A 145 -9.68 9.38 -14.82
N ILE A 146 -8.78 9.77 -15.71
CA ILE A 146 -9.11 10.50 -16.93
C ILE A 146 -8.52 9.70 -18.10
N SER A 147 -9.34 9.43 -19.11
CA SER A 147 -8.94 8.57 -20.23
C SER A 147 -9.61 8.98 -21.55
N GLY A 148 -9.09 8.43 -22.64
CA GLY A 148 -9.67 8.58 -23.97
C GLY A 148 -8.78 9.41 -24.86
N LYS A 149 -9.18 9.59 -26.11
CA LYS A 149 -8.40 10.33 -27.11
C LYS A 149 -8.73 11.83 -27.24
N GLY A 150 -9.65 12.34 -26.41
CA GLY A 150 -10.08 13.75 -26.47
C GLY A 150 -9.09 14.71 -25.84
N THR A 151 -9.55 15.95 -25.61
CA THR A 151 -8.69 17.08 -25.29
C THR A 151 -9.22 17.91 -24.12
N LEU A 152 -8.31 18.28 -23.23
CA LEU A 152 -8.53 19.34 -22.22
C LEU A 152 -7.98 20.68 -22.76
N GLN A 153 -8.85 21.70 -22.81
CA GLN A 153 -8.55 22.97 -23.45
C GLN A 153 -9.13 24.17 -22.69
N PRO A 154 -8.42 24.64 -21.65
CA PRO A 154 -8.90 25.82 -20.91
C PRO A 154 -8.80 27.10 -21.71
N LYS A 155 -9.80 27.97 -21.57
CA LYS A 155 -9.71 29.34 -22.10
C LYS A 155 -8.68 30.10 -21.27
N GLY A 157 -7.78 33.79 -21.45
CA GLY A 157 -7.88 35.27 -21.35
C GLY A 157 -7.56 35.92 -20.00
N THR A 158 -8.38 35.64 -19.00
CA THR A 158 -8.20 36.16 -17.65
C THR A 158 -6.89 35.69 -17.00
N TRP A 159 -6.52 34.44 -17.23
CA TRP A 159 -5.34 33.87 -16.57
C TRP A 159 -4.04 34.53 -17.04
N LYS A 160 -3.96 34.89 -18.33
CA LYS A 160 -2.80 35.65 -18.86
C LYS A 160 -2.60 36.97 -18.16
N VAL A 161 -3.70 37.66 -17.83
CA VAL A 161 -3.66 38.87 -16.99
C VAL A 161 -3.05 38.57 -15.60
N TRP A 162 -3.48 37.45 -14.99
CA TRP A 162 -2.94 37.00 -13.69
C TRP A 162 -1.47 36.46 -13.74
N PHE A 163 -0.84 36.35 -14.92
CA PHE A 163 0.64 36.10 -15.02
C PHE A 163 1.45 37.22 -14.38
N LYS A 164 0.92 38.44 -14.37
CA LYS A 164 1.62 39.59 -13.78
C LYS A 164 1.65 39.53 -12.24
N ARG A 165 2.57 40.29 -11.66
CA ARG A 165 2.81 40.28 -10.24
C ARG A 165 2.65 41.72 -9.69
N PRO A 166 1.46 42.30 -9.83
CA PRO A 166 1.21 43.62 -9.20
C PRO A 166 1.15 43.53 -7.67
N ALA A 167 1.11 44.68 -7.00
CA ALA A 167 1.23 44.74 -5.52
C ALA A 167 0.27 43.82 -4.75
N PRO A 168 -1.05 43.81 -5.12
CA PRO A 168 -1.96 42.93 -4.34
C PRO A 168 -1.65 41.41 -4.45
N HIS A 169 -1.09 40.99 -5.57
CA HIS A 169 -0.68 39.60 -5.75
C HIS A 169 0.53 39.27 -4.87
N LEU A 170 1.48 40.21 -4.78
CA LEU A 170 2.65 40.05 -3.91
C LEU A 170 2.26 40.03 -2.43
N GLN A 171 1.29 40.87 -2.05
CA GLN A 171 0.74 40.86 -0.70
C GLN A 171 0.13 39.49 -0.32
N ALA A 172 -0.63 38.90 -1.23
CA ALA A 172 -1.20 37.55 -1.01
C ALA A 172 -0.11 36.44 -0.84
N LEU A 173 0.94 36.46 -1.64
CA LEU A 173 2.04 35.50 -1.50
C LEU A 173 2.72 35.60 -0.14
N LYS A 174 2.93 36.84 0.33
CA LYS A 174 3.49 37.09 1.65
C LYS A 174 2.59 36.56 2.75
N GLU A 175 1.29 36.88 2.64
CA GLU A 175 0.29 36.40 3.58
C GLU A 175 0.32 34.86 3.66
N LEU A 176 0.31 34.19 2.52
CA LEU A 176 0.32 32.71 2.49
C LEU A 176 1.60 32.13 3.16
N TYR A 177 2.76 32.65 2.77
CA TYR A 177 4.06 32.22 3.32
C TYR A 177 4.19 32.44 4.82
N THR A 178 3.72 33.57 5.34
CA THR A 178 3.78 33.87 6.79
C THR A 178 2.92 32.91 7.61
N LYS A 179 1.68 32.69 7.15
CA LYS A 179 0.78 31.75 7.81
C LYS A 179 1.30 30.30 7.75
N ALA A 180 1.74 29.87 6.57
CA ALA A 180 2.32 28.53 6.39
C ALA A 180 3.55 28.31 7.26
N SER A 181 4.43 29.31 7.28
CA SER A 181 5.68 29.25 8.02
C SER A 181 5.50 29.32 9.54
N THR A 182 4.37 29.79 10.04
CA THR A 182 4.12 29.89 11.48
C THR A 182 3.03 28.92 11.96
N ASN A 183 2.70 27.89 11.16
CA ASN A 183 1.70 26.86 11.50
C ASN A 183 0.27 27.37 11.83
N VAL A 184 -0.16 28.44 11.16
CA VAL A 184 -1.58 28.87 11.23
C VAL A 184 -2.45 27.82 10.49
N PRO A 185 -3.55 27.36 11.13
CA PRO A 185 -4.41 26.34 10.50
C PRO A 185 -4.76 26.60 9.03
N VAL A 186 -4.88 25.52 8.26
CA VAL A 186 -5.03 25.64 6.81
C VAL A 186 -6.35 26.32 6.43
N ILE A 187 -7.40 26.08 7.21
CA ILE A 187 -8.70 26.74 7.00
C ILE A 187 -8.67 28.29 7.16
N GLU A 188 -7.70 28.82 7.91
CA GLU A 188 -7.48 30.27 8.02
C GLU A 188 -6.63 30.86 6.89
N ARG A 189 -6.30 30.05 5.88
CA ARG A 189 -5.48 30.47 4.75
C ARG A 189 -6.39 30.63 3.51
N GLN A 190 -7.26 31.65 3.56
CA GLN A 190 -8.32 31.84 2.56
C GLN A 190 -7.86 32.80 1.46
N ALA A 192 -8.73 33.07 -2.00
CA ALA A 192 -9.60 33.47 -3.13
C ALA A 192 -10.44 34.70 -2.77
N ILE A 193 -9.75 35.82 -2.53
CA ILE A 193 -10.31 37.06 -1.99
C ILE A 193 -9.74 38.22 -2.81
N GLY A 194 -10.59 39.19 -3.17
CA GLY A 194 -10.14 40.46 -3.78
C GLY A 194 -9.23 40.26 -4.96
N GLU A 195 -8.10 40.96 -4.97
CA GLU A 195 -7.13 40.89 -6.07
C GLU A 195 -5.93 39.97 -5.80
N ASN A 196 -6.11 38.95 -4.95
CA ASN A 196 -4.99 38.02 -4.60
C ASN A 196 -4.46 37.34 -5.86
N HIS A 197 -5.39 36.83 -6.67
CA HIS A 197 -5.10 36.36 -8.03
C HIS A 197 -4.07 35.22 -8.10
N LEU A 198 -4.28 34.18 -7.30
CA LEU A 198 -3.52 32.90 -7.43
C LEU A 198 -4.27 32.00 -8.44
N ARG A 199 -3.64 31.73 -9.59
CA ARG A 199 -4.27 30.97 -10.68
C ARG A 199 -4.55 29.51 -10.27
N PRO A 200 -5.67 28.94 -10.74
CA PRO A 200 -5.96 27.53 -10.44
C PRO A 200 -5.22 26.51 -11.36
N HIS A 201 -4.92 25.34 -10.78
CA HIS A 201 -4.29 24.23 -11.49
C HIS A 201 -5.27 23.69 -12.57
N LEU A 202 -4.74 23.09 -13.63
CA LEU A 202 -5.56 22.26 -14.53
C LEU A 202 -6.00 20.96 -13.80
N ILE A 203 -5.09 19.99 -13.62
CA ILE A 203 -5.39 18.77 -12.85
C ILE A 203 -4.69 18.88 -11.50
N HIS A 204 -5.48 18.74 -10.43
CA HIS A 204 -4.97 18.67 -9.06
C HIS A 204 -5.70 17.56 -8.31
N PHE A 205 -5.00 16.43 -8.14
CA PHE A 205 -5.49 15.27 -7.38
C PHE A 205 -4.72 15.28 -6.05
N ASN A 206 -5.49 15.31 -4.95
CA ASN A 206 -5.02 15.57 -3.59
C ASN A 206 -5.39 14.39 -2.65
N ARG A 207 -4.40 13.70 -2.11
CA ARG A 207 -4.63 12.58 -1.15
C ARG A 207 -5.45 11.40 -1.73
N CYS A 208 -5.21 11.09 -2.99
CA CYS A 208 -6.01 10.08 -3.68
C CYS A 208 -5.23 8.78 -3.76
N LYS A 209 -5.94 7.68 -3.98
CA LYS A 209 -5.34 6.36 -4.18
C LYS A 209 -5.80 5.75 -5.48
N ASN A 210 -4.87 5.14 -6.20
CA ASN A 210 -5.14 4.43 -7.48
C ASN A 210 -5.63 5.37 -8.58
N VAL A 211 -4.70 6.21 -9.03
CA VAL A 211 -4.93 7.18 -10.11
C VAL A 211 -4.51 6.59 -11.48
N LEU A 213 -4.17 8.15 -15.58
CA LEU A 213 -4.33 9.13 -16.65
C LEU A 213 -3.84 8.46 -17.93
N ASP A 214 -4.69 8.33 -18.94
CA ASP A 214 -4.37 7.52 -20.15
C ASP A 214 -4.90 8.11 -21.46
N GLY A 215 -4.02 8.42 -22.41
CA GLY A 215 -4.42 8.62 -23.80
C GLY A 215 -4.74 10.01 -24.32
N PHE A 216 -4.97 10.98 -23.43
CA PHE A 216 -5.61 12.24 -23.82
C PHE A 216 -4.62 13.36 -24.18
N LYS A 217 -5.13 14.43 -24.80
CA LYS A 217 -4.37 15.63 -25.11
C LYS A 217 -4.61 16.78 -24.10
N ILE A 218 -3.55 17.55 -23.81
CA ILE A 218 -3.67 18.81 -23.04
C ILE A 218 -3.20 19.95 -23.92
N ARG A 219 -4.02 21.00 -23.99
CA ARG A 219 -3.71 22.22 -24.76
C ARG A 219 -3.86 23.47 -23.85
N GLU A 220 -2.74 23.83 -23.22
CA GLU A 220 -2.60 24.99 -22.29
C GLU A 220 -3.14 24.69 -20.88
N SER A 221 -2.72 25.51 -19.92
CA SER A 221 -3.11 25.33 -18.54
C SER A 221 -2.99 26.67 -17.79
N PRO A 222 -3.99 27.01 -16.94
CA PRO A 222 -3.88 28.26 -16.18
C PRO A 222 -2.70 28.33 -15.21
N PHE A 223 -2.38 27.22 -14.54
CA PHE A 223 -1.27 27.15 -13.55
C PHE A 223 -0.58 25.79 -13.80
N TRP A 224 -0.28 24.99 -12.76
CA TRP A 224 0.43 23.72 -12.97
C TRP A 224 -0.50 22.78 -13.74
N THR A 225 0.10 22.08 -14.69
CA THR A 225 -0.62 21.29 -15.67
C THR A 225 -1.19 19.98 -15.08
N ILE A 226 -0.32 19.15 -14.51
CA ILE A 226 -0.75 17.87 -13.88
C ILE A 226 -0.09 17.80 -12.49
N HIS A 227 -0.85 18.13 -11.45
CA HIS A 227 -0.37 18.12 -10.07
C HIS A 227 -0.90 16.91 -9.27
N LEU A 228 -0.02 15.93 -9.02
CA LEU A 228 -0.37 14.75 -8.23
C LEU A 228 0.26 14.94 -6.84
N TYR A 229 -0.61 15.25 -5.89
CA TYR A 229 -0.25 15.77 -4.58
C TYR A 229 -0.73 14.84 -3.48
N CYS A 231 -0.56 11.71 -3.32
CA CYS A 231 -1.23 10.52 -3.86
C CYS A 231 -0.40 9.25 -3.67
N ASP A 232 -1.07 8.11 -3.62
CA ASP A 232 -0.44 6.79 -3.44
C ASP A 232 -0.98 5.76 -4.42
N GLY A 233 -0.14 5.44 -5.41
CA GLY A 233 -0.40 4.42 -6.42
C GLY A 233 -1.01 4.97 -7.70
N GLY A 234 -0.33 4.80 -8.82
CA GLY A 234 -0.93 5.14 -10.11
C GLY A 234 -0.08 5.03 -11.33
N ILE A 235 -0.71 5.29 -12.48
CA ILE A 235 -0.08 5.22 -13.78
C ILE A 235 -0.44 6.44 -14.62
N VAL A 236 0.54 7.00 -15.32
CA VAL A 236 0.34 8.09 -16.26
C VAL A 236 0.89 7.66 -17.61
N ARG A 237 0.04 7.52 -18.64
CA ARG A 237 0.57 7.05 -19.93
C ARG A 237 -0.14 7.54 -21.17
N ASN A 238 0.61 7.52 -22.27
CA ASN A 238 0.11 7.84 -23.61
C ASN A 238 -0.44 9.28 -23.70
N LEU A 239 0.12 10.21 -22.92
CA LEU A 239 -0.34 11.60 -22.94
C LEU A 239 0.41 12.43 -23.96
N ASP A 240 -0.29 13.41 -24.54
CA ASP A 240 0.28 14.39 -25.49
C ASP A 240 0.05 15.78 -24.87
N VAL A 241 1.07 16.29 -24.18
CA VAL A 241 0.94 17.51 -23.37
C VAL A 241 1.62 18.70 -24.06
N ARG A 242 0.86 19.79 -24.27
CA ARG A 242 1.40 21.03 -24.79
C ARG A 242 0.88 22.24 -24.01
N ALA A 243 1.78 22.98 -23.34
CA ALA A 243 1.43 24.19 -22.59
C ALA A 243 2.59 25.17 -22.49
N HIS A 244 2.37 26.38 -23.00
CA HIS A 244 3.40 27.41 -23.15
C HIS A 244 3.09 28.72 -22.41
N GLY A 245 2.33 28.65 -21.32
CA GLY A 245 2.10 29.82 -20.44
C GLY A 245 3.09 29.80 -19.29
N HIS A 246 2.80 30.54 -18.23
CA HIS A 246 3.71 30.63 -17.08
C HIS A 246 3.42 29.48 -16.12
N ASN A 247 4.50 28.91 -15.55
CA ASN A 247 4.45 27.83 -14.55
C ASN A 247 3.78 26.54 -15.10
N ASN A 248 4.16 26.15 -16.31
CA ASN A 248 3.60 25.01 -17.04
C ASN A 248 4.67 23.91 -17.24
N ASP A 249 4.94 23.14 -16.18
CA ASP A 249 5.74 21.91 -16.33
C ASP A 249 4.82 20.86 -16.92
N GLY A 250 5.39 19.81 -17.48
CA GLY A 250 4.61 18.70 -18.03
C GLY A 250 3.85 17.91 -16.97
N ILE A 251 4.56 17.47 -15.94
CA ILE A 251 3.96 16.82 -14.76
C ILE A 251 4.74 17.17 -13.46
N ASP A 252 4.02 17.51 -12.38
CA ASP A 252 4.56 17.83 -11.06
C ASP A 252 4.08 16.79 -10.03
N PHE A 253 4.96 15.88 -9.65
CA PHE A 253 4.72 14.97 -8.53
C PHE A 253 5.15 15.66 -7.24
N GLU A 254 4.25 15.75 -6.26
CA GLU A 254 4.53 16.41 -4.99
C GLU A 254 4.03 15.58 -3.80
N SER A 256 4.15 12.46 -3.39
CA SER A 256 3.42 11.30 -3.90
C SER A 256 4.34 10.07 -3.96
N ARG A 257 3.72 8.89 -4.08
CA ARG A 257 4.48 7.63 -4.12
C ARG A 257 3.86 6.55 -4.99
N ASN A 258 4.73 5.69 -5.53
CA ASN A 258 4.35 4.48 -6.27
C ASN A 258 3.65 4.77 -7.59
N PHE A 259 4.31 5.54 -8.44
CA PHE A 259 3.81 5.88 -9.77
C PHE A 259 4.74 5.41 -10.90
N LEU A 260 4.13 4.98 -12.00
CA LEU A 260 4.80 4.78 -13.28
C LEU A 260 4.31 5.81 -14.30
N VAL A 261 5.25 6.47 -14.99
CA VAL A 261 4.96 7.31 -16.15
C VAL A 261 5.61 6.68 -17.39
N GLU A 262 4.83 6.47 -18.45
CA GLU A 262 5.37 5.89 -19.68
C GLU A 262 4.70 6.37 -20.95
N ASP A 263 5.49 6.47 -22.03
CA ASP A 263 4.97 6.73 -23.39
C ASP A 263 4.30 8.10 -23.56
N CYS A 264 4.78 9.13 -22.87
CA CYS A 264 4.18 10.49 -22.99
C CYS A 264 5.09 11.40 -23.81
N SER A 265 4.51 12.43 -24.42
CA SER A 265 5.24 13.54 -25.07
C SER A 265 4.99 14.85 -24.35
N PHE A 266 6.04 15.64 -24.17
CA PHE A 266 6.00 16.91 -23.42
C PHE A 266 6.50 18.07 -24.27
N ASP A 267 5.70 19.13 -24.34
CA ASP A 267 5.98 20.32 -25.16
C ASP A 267 5.63 21.54 -24.30
N GLN A 268 6.65 22.08 -23.61
CA GLN A 268 6.44 22.91 -22.43
C GLN A 268 7.14 24.25 -22.48
N GLY A 269 6.55 25.23 -21.79
CA GLY A 269 7.20 26.50 -21.49
C GLY A 269 8.28 26.35 -20.43
N ASP A 270 8.12 25.39 -19.50
CA ASP A 270 9.08 25.12 -18.43
C ASP A 270 9.72 23.71 -18.58
N ASP A 271 9.62 22.84 -17.58
CA ASP A 271 10.30 21.52 -17.58
C ASP A 271 9.35 20.35 -17.88
N ALA A 272 9.89 19.16 -18.15
CA ALA A 272 9.06 18.02 -18.51
C ALA A 272 8.52 17.31 -17.28
N VAL A 273 9.39 16.58 -16.59
CA VAL A 273 8.99 15.81 -15.40
C VAL A 273 9.69 16.43 -14.20
N VAL A 274 8.92 16.85 -13.21
CA VAL A 274 9.45 17.53 -12.02
C VAL A 274 8.98 16.85 -10.75
N ILE A 275 9.92 16.58 -9.83
CA ILE A 275 9.64 15.88 -8.57
C ILE A 275 9.82 16.88 -7.41
N LYS A 276 8.79 17.01 -6.55
CA LYS A 276 8.77 17.99 -5.45
C LYS A 276 8.25 17.44 -4.13
N ALA A 277 8.47 18.19 -3.06
CA ALA A 277 7.92 17.85 -1.73
C ALA A 277 7.71 19.07 -0.82
N GLY A 278 7.21 20.16 -1.39
CA GLY A 278 6.75 21.32 -0.59
C GLY A 278 7.85 22.29 -0.17
N ARG A 279 7.42 23.39 0.45
CA ARG A 279 8.28 24.54 0.75
C ARG A 279 8.44 24.76 2.27
N ASN A 280 9.65 24.47 2.76
CA ASN A 280 10.10 24.82 4.12
C ASN A 280 9.18 24.23 5.23
N GLN A 281 8.86 25.02 6.27
CA GLN A 281 8.13 24.59 7.47
C GLN A 281 6.81 23.88 7.22
N ASP A 282 5.99 24.44 6.32
CA ASP A 282 4.69 23.81 6.00
C ASP A 282 4.87 22.36 5.55
N ALA A 283 5.92 22.11 4.75
CA ALA A 283 6.25 20.75 4.32
C ALA A 283 6.85 19.85 5.45
N TRP A 284 7.72 20.44 6.27
CA TRP A 284 8.26 19.72 7.44
C TRP A 284 7.13 19.20 8.33
N ARG A 285 6.10 20.04 8.54
CA ARG A 285 4.87 19.70 9.29
C ARG A 285 4.19 18.47 8.68
N LEU A 286 3.98 18.50 7.36
CA LEU A 286 3.35 17.38 6.65
C LEU A 286 4.21 16.09 6.64
N ASN A 287 5.54 16.25 6.65
CA ASN A 287 6.50 15.13 6.73
C ASN A 287 6.18 13.89 5.80
N THR A 288 5.96 14.11 4.49
CA THR A 288 5.51 13.09 3.54
C THR A 288 6.44 13.17 2.31
N PRO A 289 7.41 12.22 2.18
CA PRO A 289 8.33 12.35 1.04
C PRO A 289 7.72 11.96 -0.31
N CYS A 290 8.34 12.43 -1.38
CA CYS A 290 8.00 11.99 -2.72
C CYS A 290 8.93 10.84 -3.04
N GLU A 291 8.39 9.67 -3.35
CA GLU A 291 9.26 8.47 -3.52
C GLU A 291 8.70 7.37 -4.39
N ASN A 292 9.59 6.53 -4.90
CA ASN A 292 9.23 5.36 -5.70
C ASN A 292 8.41 5.72 -6.96
N ILE A 293 9.02 6.54 -7.82
CA ILE A 293 8.47 7.00 -9.08
C ILE A 293 9.41 6.51 -10.17
N VAL A 294 8.86 5.87 -11.20
CA VAL A 294 9.61 5.40 -12.37
C VAL A 294 9.05 6.05 -13.66
N ILE A 295 9.93 6.59 -14.51
CA ILE A 295 9.55 7.24 -15.78
C ILE A 295 10.30 6.51 -16.88
N ARG A 296 9.59 6.04 -17.93
CA ARG A 296 10.24 5.34 -19.06
C ARG A 296 9.60 5.63 -20.42
N ASN A 297 10.42 5.56 -21.47
CA ASN A 297 9.96 5.75 -22.86
C ASN A 297 9.18 7.06 -23.10
N CYS A 298 9.70 8.18 -22.57
CA CYS A 298 9.07 9.49 -22.75
C CYS A 298 9.98 10.38 -23.58
N ARG A 299 9.43 11.50 -24.00
CA ARG A 299 10.05 12.35 -25.01
C ARG A 299 9.77 13.81 -24.65
N ILE A 300 10.81 14.63 -24.61
CA ILE A 300 10.63 16.09 -24.47
C ILE A 300 10.97 16.76 -25.80
N LEU A 301 9.98 17.48 -26.34
CA LEU A 301 10.10 18.18 -27.61
C LEU A 301 10.52 19.65 -27.47
N LYS A 302 9.98 20.34 -26.46
CA LYS A 302 10.39 21.68 -26.05
C LYS A 302 10.33 21.78 -24.54
N GLY A 303 11.21 22.60 -23.99
CA GLY A 303 11.33 22.77 -22.55
C GLY A 303 12.76 22.90 -22.12
N HIS A 304 12.93 23.35 -20.88
CA HIS A 304 14.26 23.68 -20.34
C HIS A 304 14.98 22.52 -19.68
N THR A 305 14.24 21.56 -19.15
CA THR A 305 14.76 20.43 -18.39
C THR A 305 13.95 19.15 -18.61
N LEU A 306 14.64 18.02 -18.77
CA LEU A 306 13.97 16.71 -18.92
C LEU A 306 13.50 16.16 -17.56
N LEU A 307 14.43 16.01 -16.60
CA LEU A 307 14.14 15.62 -15.22
C LEU A 307 14.62 16.71 -14.26
N GLY A 308 13.68 17.32 -13.55
CA GLY A 308 13.94 18.36 -12.54
C GLY A 308 13.60 17.83 -11.16
N ILE A 309 14.49 18.06 -10.20
CA ILE A 309 14.21 17.76 -8.78
C ILE A 309 14.22 19.09 -8.04
N GLY A 310 13.09 19.48 -7.45
CA GLY A 310 13.01 20.70 -6.66
C GLY A 310 12.56 21.91 -7.48
N SER A 311 12.80 23.17 -7.02
CA SER A 311 13.56 23.46 -5.76
C SER A 311 12.85 23.09 -4.44
N GLU A 312 11.55 22.85 -4.50
CA GLU A 312 10.72 22.58 -3.33
C GLU A 312 10.88 21.10 -3.03
N ILE A 313 11.72 20.77 -2.06
CA ILE A 313 12.07 19.39 -1.73
C ILE A 313 11.93 19.07 -0.22
N SER A 314 11.30 19.96 0.53
CA SER A 314 11.45 20.02 1.99
C SER A 314 10.98 18.78 2.74
N GLY A 315 9.98 18.08 2.20
CA GLY A 315 9.46 16.86 2.82
C GLY A 315 10.30 15.63 2.55
N GLY A 316 11.25 15.72 1.62
CA GLY A 316 12.12 14.59 1.25
C GLY A 316 11.79 14.01 -0.13
N ILE A 317 12.84 13.64 -0.86
CA ILE A 317 12.72 13.02 -2.17
C ILE A 317 13.66 11.80 -2.18
N ARG A 318 13.15 10.63 -2.55
CA ARG A 318 13.90 9.38 -2.49
C ARG A 318 13.46 8.36 -3.58
N ASN A 319 14.41 7.62 -4.17
CA ASN A 319 14.09 6.50 -5.09
C ASN A 319 13.27 6.93 -6.35
N ILE A 320 13.96 7.59 -7.26
CA ILE A 320 13.40 8.10 -8.52
C ILE A 320 14.27 7.54 -9.64
N TYR A 321 13.63 7.00 -10.70
CA TYR A 321 14.34 6.34 -11.80
C TYR A 321 13.76 6.77 -13.14
N HIS A 323 14.46 6.25 -17.26
CA HIS A 323 15.24 5.50 -18.24
C HIS A 323 14.62 5.44 -19.60
N ASP A 324 15.46 5.29 -20.62
CA ASP A 324 15.02 5.12 -22.00
C ASP A 324 14.13 6.27 -22.47
N CYS A 325 14.63 7.50 -22.34
CA CYS A 325 13.90 8.70 -22.74
C CYS A 325 14.76 9.49 -23.73
N THR A 326 14.15 10.41 -24.48
CA THR A 326 14.88 11.25 -25.46
C THR A 326 14.57 12.73 -25.29
N ALA A 327 15.54 13.56 -25.71
CA ALA A 327 15.38 15.00 -25.79
C ALA A 327 16.09 15.52 -27.07
N PRO A 328 15.45 15.34 -28.24
CA PRO A 328 16.13 15.55 -29.53
C PRO A 328 16.47 17.00 -29.93
N ASN A 329 15.82 17.98 -29.33
CA ASN A 329 16.03 19.38 -29.68
C ASN A 329 16.95 19.98 -28.61
N SER A 330 16.61 21.13 -28.06
CA SER A 330 17.52 21.89 -27.23
C SER A 330 16.95 22.13 -25.81
N VAL A 331 17.73 21.80 -24.77
CA VAL A 331 17.37 22.03 -23.35
C VAL A 331 18.40 22.92 -22.67
N ARG A 333 19.18 22.39 -19.02
CA ARG A 333 19.84 21.31 -18.24
C ARG A 333 19.07 20.02 -18.39
N LEU A 334 19.73 18.95 -18.82
CA LEU A 334 19.03 17.70 -19.03
C LEU A 334 18.55 17.08 -17.71
N PHE A 335 19.44 17.03 -16.72
CA PHE A 335 19.17 16.50 -15.36
C PHE A 335 19.53 17.63 -14.40
N PHE A 336 18.57 18.15 -13.63
CA PHE A 336 18.76 19.38 -12.83
C PHE A 336 18.24 19.13 -11.43
N VAL A 337 19.14 19.21 -10.43
CA VAL A 337 18.78 19.04 -9.04
C VAL A 337 18.98 20.35 -8.26
N LYS A 338 17.93 20.82 -7.57
CA LYS A 338 17.88 22.17 -6.95
C LYS A 338 17.38 22.19 -5.51
N THR A 339 17.97 23.06 -4.72
CA THR A 339 17.46 23.41 -3.40
C THR A 339 18.03 24.78 -2.99
N ASN A 340 17.73 25.21 -1.77
CA ASN A 340 18.37 26.39 -1.19
C ASN A 340 18.42 26.26 0.34
N HIS A 341 19.07 27.23 0.99
CA HIS A 341 19.32 27.22 2.45
C HIS A 341 18.09 27.20 3.37
N ARG A 342 16.90 27.55 2.86
CA ARG A 342 15.67 27.48 3.65
C ARG A 342 15.02 26.08 3.70
N ARG A 343 15.43 25.15 2.84
CA ARG A 343 14.60 23.95 2.51
C ARG A 343 14.65 22.76 3.47
N GLY A 344 15.80 22.51 4.08
CA GLY A 344 16.04 21.31 4.84
C GLY A 344 15.81 20.08 3.96
N GLY A 345 15.22 19.05 4.56
CA GLY A 345 14.92 17.81 3.87
C GLY A 345 16.14 17.11 3.33
N PHE A 346 15.88 16.27 2.33
CA PHE A 346 16.89 15.40 1.71
C PHE A 346 16.52 15.04 0.28
N ILE A 347 17.55 14.74 -0.50
CA ILE A 347 17.42 14.21 -1.85
C ILE A 347 18.36 13.00 -1.94
N GLU A 348 17.78 11.81 -2.14
CA GLU A 348 18.57 10.57 -2.14
C GLU A 348 18.12 9.56 -3.18
N ASN A 349 19.09 8.90 -3.79
CA ASN A 349 18.89 7.85 -4.78
C ASN A 349 18.05 8.24 -5.99
N ILE A 350 18.60 9.16 -6.79
CA ILE A 350 18.01 9.62 -8.07
C ILE A 350 18.85 9.04 -9.21
N TYR A 351 18.22 8.33 -10.14
CA TYR A 351 18.89 7.63 -11.25
C TYR A 351 18.34 8.09 -12.61
N LYS A 353 19.15 6.83 -16.67
CA LYS A 353 19.85 5.82 -17.50
C LYS A 353 19.33 5.78 -18.93
N ASN A 354 20.23 5.66 -19.90
CA ASN A 354 19.87 5.39 -21.28
C ASN A 354 19.02 6.56 -21.84
N VAL A 355 19.64 7.74 -21.91
CA VAL A 355 19.00 8.94 -22.44
C VAL A 355 19.83 9.52 -23.56
N ALA A 356 19.20 9.81 -24.70
CA ALA A 356 19.80 10.50 -25.84
C ALA A 356 19.33 11.97 -25.96
N SER A 357 20.29 12.88 -26.07
CA SER A 357 20.05 14.33 -26.10
C SER A 357 20.69 14.98 -27.34
N GLY A 358 20.02 15.98 -27.88
CA GLY A 358 20.53 16.80 -29.00
C GLY A 358 21.50 17.87 -28.53
N THR A 359 20.95 19.00 -28.05
CA THR A 359 21.70 20.15 -27.55
C THR A 359 21.35 20.41 -26.08
N ALA A 360 22.35 20.73 -25.25
CA ALA A 360 22.09 21.12 -23.87
C ALA A 360 23.10 22.15 -23.38
N GLN A 361 22.71 23.09 -22.51
CA GLN A 361 23.72 23.93 -21.84
C GLN A 361 24.53 23.16 -20.77
N ARG A 362 23.85 22.30 -20.00
CA ARG A 362 24.51 21.35 -19.07
C ARG A 362 23.84 20.00 -19.24
N VAL A 363 24.62 18.91 -19.19
CA VAL A 363 24.05 17.57 -19.16
C VAL A 363 23.54 17.31 -17.74
N LEU A 364 24.36 17.55 -16.73
CA LEU A 364 23.96 17.44 -15.32
C LEU A 364 24.35 18.70 -14.55
N GLU A 365 23.42 19.24 -13.77
CA GLU A 365 23.68 20.32 -12.84
C GLU A 365 23.07 20.05 -11.47
N ILE A 366 23.84 20.27 -10.41
CA ILE A 366 23.33 20.31 -9.03
C ILE A 366 23.62 21.74 -8.51
N ASP A 367 22.57 22.47 -8.16
CA ASP A 367 22.69 23.83 -7.62
C ASP A 367 21.99 23.90 -6.28
N THR A 368 22.76 24.10 -5.21
CA THR A 368 22.23 24.11 -3.83
C THR A 368 21.86 25.51 -3.29
N GLU A 369 21.85 26.53 -4.16
CA GLU A 369 21.35 27.86 -3.75
C GLU A 369 20.61 28.54 -4.91
N VAL A 370 19.43 27.98 -5.22
CA VAL A 370 18.52 28.52 -6.22
C VAL A 370 17.43 29.27 -5.47
N LEU A 371 17.54 30.59 -5.48
CA LEU A 371 16.62 31.47 -4.75
C LEU A 371 16.61 32.83 -5.47
N TYR A 372 15.50 33.13 -6.15
CA TYR A 372 15.31 34.36 -6.93
C TYR A 372 13.99 35.02 -6.55
N GLN A 373 12.85 34.54 -7.05
CA GLN A 373 11.57 35.25 -6.85
C GLN A 373 11.16 35.44 -5.40
N TRP A 374 11.43 34.43 -4.57
CA TRP A 374 11.11 34.50 -3.12
C TRP A 374 12.25 35.07 -2.25
N LYS A 375 13.38 35.47 -2.84
CA LYS A 375 14.58 35.92 -2.11
C LYS A 375 14.31 37.15 -1.21
N ASP A 376 13.65 38.17 -1.76
CA ASP A 376 13.37 39.44 -1.05
C ASP A 376 11.94 39.58 -0.56
N LEU A 377 11.01 38.90 -1.23
CA LEU A 377 9.59 39.01 -0.93
C LEU A 377 9.25 38.65 0.52
N VAL A 378 9.95 37.63 1.04
CA VAL A 378 9.70 37.07 2.37
C VAL A 378 11.03 36.81 3.08
N PRO A 379 11.01 36.71 4.41
CA PRO A 379 12.26 36.37 5.11
C PRO A 379 12.58 34.85 5.19
N THR A 380 13.84 34.57 5.55
CA THR A 380 14.28 33.26 5.99
C THR A 380 13.87 33.06 7.46
N TYR A 381 12.97 32.13 7.75
CA TYR A 381 12.60 31.82 9.13
C TYR A 381 13.66 30.93 9.79
N GLU A 382 14.36 30.12 9.00
CA GLU A 382 15.33 29.18 9.53
C GLU A 382 16.17 28.65 8.39
N LYS A 383 17.47 28.65 8.62
CA LYS A 383 18.43 28.05 7.72
C LYS A 383 18.55 26.56 8.09
N ARG A 384 18.31 25.66 7.14
CA ARG A 384 18.50 24.22 7.33
C ARG A 384 19.01 23.63 6.00
N ILE A 385 20.23 23.11 6.00
CA ILE A 385 20.90 22.70 4.76
C ILE A 385 20.44 21.29 4.35
N THR A 386 20.07 21.14 3.08
CA THR A 386 19.55 19.90 2.55
C THR A 386 20.64 18.84 2.42
N ARG A 387 20.33 17.62 2.81
CA ARG A 387 21.26 16.49 2.69
C ARG A 387 21.07 15.84 1.33
N ILE A 388 22.10 15.85 0.48
CA ILE A 388 22.04 15.23 -0.86
C ILE A 388 23.00 14.05 -0.94
N ASP A 389 22.48 12.88 -1.31
CA ASP A 389 23.24 11.61 -1.27
C ASP A 389 22.73 10.58 -2.29
N GLY A 390 23.52 10.34 -3.34
CA GLY A 390 23.21 9.33 -4.38
C GLY A 390 22.51 9.91 -5.60
N ILE A 391 23.28 10.51 -6.52
CA ILE A 391 22.79 11.08 -7.78
C ILE A 391 23.59 10.38 -8.88
N TYR A 392 22.90 9.62 -9.72
CA TYR A 392 23.55 8.62 -10.60
C TYR A 392 23.09 8.84 -12.04
N ASP A 394 23.93 7.31 -15.90
CA ASP A 394 24.58 6.22 -16.68
C ASP A 394 24.05 6.17 -18.13
N LYS A 395 24.94 6.01 -19.10
CA LYS A 395 24.56 5.76 -20.50
C LYS A 395 23.76 6.94 -21.10
N VAL A 396 24.42 8.10 -21.16
CA VAL A 396 23.82 9.31 -21.71
C VAL A 396 24.72 9.83 -22.81
N THR A 397 24.11 10.20 -23.94
CA THR A 397 24.79 10.86 -25.05
C THR A 397 24.16 12.24 -25.31
N CYS A 398 25.01 13.20 -25.66
CA CYS A 398 24.57 14.52 -26.05
C CYS A 398 25.39 14.94 -27.24
N GLU A 399 24.77 15.45 -28.31
CA GLU A 399 25.55 15.85 -29.49
C GLU A 399 26.41 17.07 -29.19
N SER A 400 25.86 18.09 -28.55
CA SER A 400 26.56 19.34 -28.24
C SER A 400 26.14 19.93 -26.92
N ALA A 401 27.12 20.24 -26.08
CA ALA A 401 26.87 20.80 -24.75
C ALA A 401 27.79 21.96 -24.46
N ASP A 402 27.30 22.98 -23.75
CA ASP A 402 28.21 24.04 -23.25
C ASP A 402 29.19 23.46 -22.20
N ALA A 403 28.66 22.68 -21.27
CA ALA A 403 29.47 21.86 -20.35
C ALA A 403 28.81 20.52 -20.05
N VAL A 404 29.62 19.52 -19.69
CA VAL A 404 29.09 18.20 -19.31
C VAL A 404 28.40 18.28 -17.95
N TYR A 405 29.09 18.78 -16.93
CA TYR A 405 28.44 18.93 -15.64
C TYR A 405 28.99 19.97 -14.73
N GLU A 406 28.10 20.46 -13.86
CA GLU A 406 28.44 21.55 -12.97
C GLU A 406 27.71 21.34 -11.64
N LEU A 407 28.52 21.12 -10.60
CA LEU A 407 28.05 20.73 -9.27
C LEU A 407 28.47 21.81 -8.25
N LYS A 408 27.48 22.40 -7.60
CA LYS A 408 27.69 23.48 -6.62
C LYS A 408 27.09 23.12 -5.26
N GLY A 409 27.84 22.39 -4.46
CA GLY A 409 27.41 22.04 -3.09
C GLY A 409 27.59 23.16 -2.05
N ASN A 410 26.99 22.96 -0.88
CA ASN A 410 27.19 23.82 0.32
C ASN A 410 28.34 23.27 1.18
N ALA A 411 29.22 24.17 1.61
CA ALA A 411 30.42 23.79 2.37
C ALA A 411 30.06 23.22 3.73
N GLU A 412 29.01 23.74 4.35
CA GLU A 412 28.52 23.24 5.64
C GLU A 412 27.98 21.78 5.62
N LEU A 413 27.50 21.29 4.47
CA LEU A 413 27.06 19.89 4.35
C LEU A 413 27.24 19.40 2.90
N PRO A 414 28.44 18.93 2.56
CA PRO A 414 28.69 18.61 1.17
C PRO A 414 27.78 17.52 0.58
N VAL A 415 27.53 17.63 -0.71
CA VAL A 415 26.84 16.61 -1.51
C VAL A 415 27.74 15.37 -1.53
N LYS A 416 27.14 14.18 -1.42
CA LYS A 416 27.88 12.88 -1.46
C LYS A 416 27.39 11.95 -2.55
N ASN A 417 28.32 11.20 -3.13
CA ASN A 417 28.01 10.03 -3.98
C ASN A 417 27.27 10.46 -5.25
N VAL A 418 28.04 10.99 -6.19
CA VAL A 418 27.55 11.32 -7.51
C VAL A 418 28.31 10.42 -8.48
N ARG A 419 27.63 9.74 -9.39
CA ARG A 419 28.31 8.95 -10.44
C ARG A 419 27.91 9.41 -11.84
N ILE A 420 28.91 9.63 -12.69
CA ILE A 420 28.76 9.94 -14.11
C ILE A 420 29.47 8.84 -14.91
N LYS A 421 28.72 7.95 -15.57
CA LYS A 421 29.29 6.77 -16.21
C LYS A 421 28.76 6.48 -17.61
N ASP A 422 29.65 6.13 -18.52
CA ASP A 422 29.33 5.89 -19.94
C ASP A 422 28.55 7.07 -20.52
N VAL A 423 29.15 8.25 -20.40
CA VAL A 423 28.60 9.49 -20.90
C VAL A 423 29.51 9.98 -22.01
N LYS A 424 28.93 10.26 -23.18
CA LYS A 424 29.66 10.73 -24.36
C LYS A 424 29.06 12.03 -24.90
N VAL A 425 29.89 13.05 -25.11
CA VAL A 425 29.47 14.33 -25.64
C VAL A 425 30.26 14.62 -26.92
N GLY A 426 29.53 14.82 -28.02
CA GLY A 426 30.13 15.01 -29.34
C GLY A 426 31.00 16.23 -29.46
N SER A 427 30.56 17.32 -28.82
CA SER A 427 31.28 18.59 -28.83
C SER A 427 30.96 19.37 -27.55
N VAL A 428 32.02 19.83 -26.86
CA VAL A 428 31.89 20.64 -25.65
C VAL A 428 32.32 22.05 -26.00
N LYS A 429 31.50 23.06 -25.68
CA LYS A 429 31.74 24.43 -26.13
C LYS A 429 32.43 25.32 -25.11
N LYS A 430 32.23 25.11 -23.80
CA LYS A 430 32.77 26.01 -22.78
C LYS A 430 33.80 25.34 -21.89
N PHE A 431 33.40 24.33 -21.13
CA PHE A 431 34.31 23.59 -20.24
C PHE A 431 33.74 22.21 -19.98
N VAL A 432 34.57 21.25 -19.56
CA VAL A 432 34.10 19.88 -19.34
C VAL A 432 33.29 19.81 -18.05
N LYS A 433 33.90 20.23 -16.93
CA LYS A 433 33.23 20.18 -15.63
C LYS A 433 33.74 21.23 -14.65
N LYS A 434 32.88 21.60 -13.71
CA LYS A 434 33.25 22.38 -12.51
C LYS A 434 32.56 21.81 -11.26
N VAL A 435 33.35 21.51 -10.24
CA VAL A 435 32.87 20.88 -9.01
C VAL A 435 33.28 21.71 -7.79
N SER A 436 32.41 21.74 -6.80
CA SER A 436 32.62 22.54 -5.61
C SER A 436 31.78 21.97 -4.43
N ASN A 437 32.45 21.57 -3.33
CA ASN A 437 31.80 21.00 -2.13
C ASN A 437 30.97 19.71 -2.35
N VAL A 438 31.56 18.76 -3.07
CA VAL A 438 30.97 17.46 -3.33
C VAL A 438 32.00 16.39 -2.97
N GLU A 439 31.61 15.36 -2.24
CA GLU A 439 32.50 14.23 -1.91
C GLU A 439 32.11 12.97 -2.69
N ASN A 440 33.10 12.14 -3.00
CA ASN A 440 32.91 10.83 -3.66
C ASN A 440 32.23 11.00 -5.00
N VAL A 441 32.81 11.88 -5.84
CA VAL A 441 32.40 11.98 -7.23
C VAL A 441 33.15 10.92 -7.97
N VAL A 442 32.41 10.05 -8.65
CA VAL A 442 32.97 8.96 -9.43
C VAL A 442 32.64 9.19 -10.91
N GLU A 443 33.66 9.45 -11.72
CA GLU A 443 33.56 9.52 -13.19
C GLU A 443 34.17 8.25 -13.78
N LYS A 444 33.46 7.59 -14.67
CA LYS A 444 33.88 6.33 -15.25
C LYS A 444 33.53 6.37 -16.73
N ASN A 445 34.53 6.27 -17.59
CA ASN A 445 34.33 6.26 -19.05
C ASN A 445 33.49 7.42 -19.56
N VAL A 446 33.99 8.63 -19.29
CA VAL A 446 33.47 9.86 -19.86
C VAL A 446 34.30 10.19 -21.11
N THR A 447 33.64 10.40 -22.25
CA THR A 447 34.29 10.75 -23.50
C THR A 447 33.79 12.11 -24.00
N TYR A 448 34.73 12.97 -24.43
CA TYR A 448 34.39 14.28 -24.98
C TYR A 448 35.35 14.71 -26.08
N SER A 449 34.93 15.75 -26.80
CA SER A 449 35.77 16.46 -27.78
C SER A 449 35.54 17.97 -27.59
N GLN A 450 36.57 18.77 -27.84
CA GLN A 450 36.54 20.22 -27.55
C GLN A 450 37.53 21.03 -28.41
N LYS A 451 37.05 22.16 -28.93
CA LYS A 451 37.90 23.20 -29.51
C LYS A 451 37.13 24.53 -29.55
N GLN B 20 -29.52 -9.36 -0.84
CA GLN B 20 -28.83 -9.20 0.49
C GLN B 20 -27.29 -9.40 0.50
N TYR B 21 -26.70 -9.83 -0.63
CA TYR B 21 -25.24 -10.03 -0.75
C TYR B 21 -24.66 -9.42 -2.04
N LYS B 22 -23.46 -8.84 -1.95
CA LYS B 22 -22.57 -8.64 -3.10
C LYS B 22 -21.66 -9.87 -3.22
N THR B 23 -20.82 -9.90 -4.27
CA THR B 23 -19.80 -10.93 -4.41
C THR B 23 -18.45 -10.36 -4.87
N VAL B 24 -17.39 -11.11 -4.58
CA VAL B 24 -16.03 -10.79 -5.01
C VAL B 24 -15.48 -12.06 -5.68
N LYS B 25 -15.10 -11.92 -6.95
CA LYS B 25 -14.47 -13.00 -7.73
C LYS B 25 -12.98 -12.87 -7.63
N VAL B 26 -12.31 -14.01 -7.47
CA VAL B 26 -10.89 -14.06 -7.20
C VAL B 26 -10.24 -14.97 -8.24
N LYS B 27 -9.17 -14.47 -8.87
CA LYS B 27 -8.34 -15.26 -9.77
C LYS B 27 -7.29 -16.06 -9.00
N ALA B 28 -7.08 -17.31 -9.44
CA ALA B 28 -6.10 -18.22 -8.84
C ALA B 28 -5.76 -19.35 -9.85
N PRO B 29 -4.68 -20.13 -9.60
CA PRO B 29 -4.47 -21.30 -10.48
C PRO B 29 -5.45 -22.48 -10.26
N PHE B 30 -6.32 -22.39 -9.26
CA PHE B 30 -7.44 -23.31 -9.07
C PHE B 30 -8.71 -22.47 -9.12
N PRO B 31 -9.86 -23.06 -9.48
CA PRO B 31 -11.09 -22.26 -9.52
C PRO B 31 -11.62 -21.88 -8.14
N GLN B 33 -15.02 -20.05 -6.33
CA GLN B 33 -16.37 -19.50 -6.43
C GLN B 33 -16.37 -18.08 -5.86
N PRO B 34 -17.31 -17.22 -6.35
CA PRO B 34 -17.33 -15.82 -5.87
C PRO B 34 -17.62 -15.79 -4.36
N ILE B 35 -17.00 -14.90 -3.62
CA ILE B 35 -17.17 -14.90 -2.15
C ILE B 35 -18.27 -13.89 -1.75
N LYS B 36 -19.31 -14.38 -1.10
CA LYS B 36 -20.40 -13.54 -0.56
C LYS B 36 -19.96 -12.55 0.51
N VAL B 37 -20.44 -11.32 0.35
CA VAL B 37 -20.27 -10.22 1.30
C VAL B 37 -21.66 -9.67 1.68
N PHE B 38 -22.07 -9.87 2.93
CA PHE B 38 -23.40 -9.44 3.43
C PHE B 38 -23.56 -7.92 3.36
N ILE B 39 -24.73 -7.44 2.96
CA ILE B 39 -25.01 -5.99 3.01
C ILE B 39 -25.80 -5.77 4.29
N TYR B 40 -25.22 -4.99 5.21
CA TYR B 40 -25.81 -4.84 6.54
C TYR B 40 -26.98 -3.84 6.48
N PRO B 41 -28.13 -4.18 7.11
CA PRO B 41 -29.19 -3.18 7.35
C PRO B 41 -28.64 -1.85 7.85
N ASP B 42 -29.31 -0.76 7.49
CA ASP B 42 -28.88 0.59 7.87
C ASP B 42 -29.36 1.02 9.30
N ARG B 43 -29.10 0.18 10.31
CA ARG B 43 -29.41 0.46 11.73
C ARG B 43 -28.12 0.47 12.57
N ASP B 44 -27.84 1.60 13.22
CA ASP B 44 -26.69 1.76 14.13
C ASP B 44 -27.10 1.71 15.61
N PHE B 45 -26.51 0.78 16.36
CA PHE B 45 -26.73 0.61 17.81
C PHE B 45 -25.47 1.06 18.57
N LYS B 46 -25.50 2.31 19.02
CA LYS B 46 -24.35 2.93 19.69
C LYS B 46 -24.24 2.31 21.09
N ILE B 47 -23.04 1.86 21.49
CA ILE B 47 -22.86 1.20 22.81
C ILE B 47 -23.15 2.16 23.99
N THR B 48 -22.87 3.45 23.81
CA THR B 48 -23.19 4.48 24.80
C THR B 48 -24.67 4.42 25.24
N ASP B 49 -25.58 4.12 24.31
CA ASP B 49 -27.02 4.05 24.62
C ASP B 49 -27.45 2.78 25.35
N PHE B 50 -26.51 1.87 25.64
CA PHE B 50 -26.76 0.70 26.49
C PHE B 50 -25.90 0.72 27.76
N GLY B 51 -25.39 1.91 28.09
CA GLY B 51 -24.75 2.18 29.38
C GLY B 51 -23.23 2.08 29.39
N ALA B 52 -22.58 2.49 28.30
CA ALA B 52 -21.13 2.38 28.15
C ALA B 52 -20.47 3.70 28.53
N VAL B 53 -19.28 3.60 29.14
CA VAL B 53 -18.51 4.77 29.57
C VAL B 53 -17.02 4.60 29.23
N PRO B 54 -16.39 5.61 28.61
CA PRO B 54 -14.96 5.52 28.24
C PRO B 54 -14.03 5.92 29.37
N GLY B 55 -12.71 5.84 29.13
CA GLY B 55 -11.69 6.18 30.11
C GLY B 55 -10.89 5.01 30.69
N GLY B 56 -11.40 3.80 30.58
CA GLY B 56 -10.66 2.62 31.08
C GLY B 56 -10.87 2.21 32.53
N GLU B 57 -11.73 2.93 33.26
CA GLU B 57 -12.11 2.60 34.64
C GLU B 57 -13.39 1.76 34.68
N VAL B 58 -14.43 2.25 34.01
CA VAL B 58 -15.73 1.59 33.96
C VAL B 58 -15.68 0.39 33.00
N ASP B 59 -16.18 -0.75 33.44
CA ASP B 59 -16.25 -1.96 32.63
C ASP B 59 -17.42 -1.82 31.66
N ASN B 60 -17.25 -2.31 30.42
CA ASN B 60 -18.27 -2.13 29.37
C ASN B 60 -18.79 -3.44 28.78
N THR B 61 -18.49 -4.57 29.44
CA THR B 61 -18.83 -5.88 28.92
C THR B 61 -20.34 -6.02 28.67
N LYS B 62 -21.14 -5.76 29.71
CA LYS B 62 -22.58 -6.04 29.70
C LYS B 62 -23.34 -5.11 28.76
N ALA B 63 -22.80 -3.91 28.56
CA ALA B 63 -23.34 -2.93 27.60
C ALA B 63 -23.08 -3.29 26.14
N ILE B 64 -21.87 -3.80 25.84
CA ILE B 64 -21.58 -4.32 24.48
C ILE B 64 -22.50 -5.52 24.18
N ALA B 65 -22.63 -6.42 25.14
CA ALA B 65 -23.51 -7.60 25.04
C ALA B 65 -25.02 -7.29 24.90
N ALA B 66 -25.45 -6.14 25.44
CA ALA B 66 -26.84 -5.68 25.29
C ALA B 66 -27.09 -5.07 23.90
N ALA B 67 -26.16 -4.24 23.42
CA ALA B 67 -26.23 -3.66 22.08
C ALA B 67 -26.18 -4.68 20.95
N ILE B 68 -25.45 -5.78 21.18
CA ILE B 68 -25.45 -6.93 20.27
C ILE B 68 -26.79 -7.66 20.31
N ASP B 69 -27.34 -7.88 21.51
CA ASP B 69 -28.69 -8.48 21.69
C ASP B 69 -29.74 -7.72 20.89
N ALA B 70 -29.73 -6.41 21.02
CA ALA B 70 -30.68 -5.52 20.36
C ALA B 70 -30.59 -5.66 18.84
N CYS B 71 -29.38 -5.43 18.32
CA CYS B 71 -29.07 -5.52 16.90
C CYS B 71 -29.55 -6.84 16.28
N ASN B 72 -29.25 -7.95 16.94
CA ASN B 72 -29.64 -9.28 16.46
C ASN B 72 -31.18 -9.47 16.45
N LYS B 73 -31.85 -9.09 17.54
CA LYS B 73 -33.33 -9.14 17.63
C LYS B 73 -34.03 -8.37 16.53
N ALA B 74 -33.50 -7.19 16.21
CA ALA B 74 -34.01 -6.36 15.13
C ALA B 74 -33.65 -6.81 13.70
N GLY B 75 -32.90 -7.91 13.55
CA GLY B 75 -32.48 -8.44 12.23
C GLY B 75 -31.14 -7.95 11.69
N GLY B 76 -30.28 -7.40 12.56
CA GLY B 76 -28.91 -7.02 12.22
C GLY B 76 -28.63 -5.56 11.92
N GLY B 77 -27.34 -5.23 11.94
CA GLY B 77 -26.87 -3.86 11.70
C GLY B 77 -25.50 -3.65 12.33
N ARG B 78 -25.17 -2.39 12.61
CA ARG B 78 -23.89 -2.02 13.23
C ARG B 78 -23.98 -1.75 14.75
N VAL B 79 -23.10 -2.40 15.52
CA VAL B 79 -22.86 -2.05 16.92
C VAL B 79 -21.66 -1.09 16.92
N VAL B 80 -21.91 0.18 17.20
CA VAL B 80 -20.92 1.23 17.05
C VAL B 80 -20.19 1.49 18.38
N VAL B 81 -18.86 1.47 18.31
CA VAL B 81 -17.98 1.81 19.40
C VAL B 81 -17.39 3.16 19.03
N PRO B 82 -17.84 4.25 19.70
CA PRO B 82 -17.28 5.56 19.36
C PRO B 82 -15.84 5.73 19.83
N ALA B 83 -15.23 6.86 19.44
CA ALA B 83 -13.90 7.26 19.91
C ALA B 83 -13.80 7.26 21.45
N GLY B 84 -12.65 6.83 21.97
CA GLY B 84 -12.42 6.63 23.41
C GLY B 84 -11.78 5.30 23.73
N ILE B 85 -11.32 5.15 24.97
CA ILE B 85 -10.81 3.87 25.47
C ILE B 85 -11.91 3.23 26.29
N TRP B 86 -12.22 1.96 25.97
CA TRP B 86 -13.37 1.24 26.49
C TRP B 86 -12.93 -0.07 27.12
N LEU B 87 -12.86 -0.11 28.46
CA LEU B 87 -12.45 -1.33 29.17
C LEU B 87 -13.53 -2.39 29.03
N THR B 88 -13.15 -3.65 28.86
CA THR B 88 -14.12 -4.74 28.61
C THR B 88 -13.52 -6.15 28.82
N GLY B 89 -14.38 -7.10 29.17
CA GLY B 89 -14.09 -8.53 29.04
C GLY B 89 -14.49 -9.04 27.64
N PRO B 90 -14.75 -10.37 27.51
CA PRO B 90 -14.97 -10.92 26.16
C PRO B 90 -16.24 -10.44 25.48
N VAL B 91 -16.21 -10.44 24.15
CA VAL B 91 -17.33 -10.05 23.29
C VAL B 91 -17.81 -11.29 22.57
N HIS B 92 -19.06 -11.68 22.81
CA HIS B 92 -19.65 -12.89 22.17
C HIS B 92 -20.63 -12.49 21.05
N PHE B 93 -20.32 -12.88 19.82
CA PHE B 93 -21.13 -12.52 18.66
C PHE B 93 -22.46 -13.31 18.57
N LYS B 94 -23.40 -12.70 17.86
CA LYS B 94 -24.60 -13.36 17.32
C LYS B 94 -24.67 -13.04 15.82
N SER B 95 -25.47 -13.78 15.07
CA SER B 95 -25.60 -13.57 13.60
C SER B 95 -26.03 -12.15 13.23
N ASN B 96 -25.48 -11.64 12.12
CA ASN B 96 -25.86 -10.38 11.48
C ASN B 96 -25.37 -9.09 12.17
N ILE B 97 -24.28 -9.22 12.93
CA ILE B 97 -23.67 -8.08 13.64
C ILE B 97 -22.42 -7.60 12.92
N ASN B 98 -22.28 -6.30 12.78
CA ASN B 98 -21.05 -5.67 12.33
C ASN B 98 -20.49 -4.76 13.45
N LEU B 99 -19.49 -5.26 14.19
CA LEU B 99 -18.85 -4.46 15.25
C LEU B 99 -17.96 -3.36 14.65
N CYS B 100 -18.38 -2.09 14.73
CA CYS B 100 -17.62 -0.96 14.14
C CYS B 100 -16.78 -0.23 15.15
N LEU B 101 -15.47 -0.29 14.96
CA LEU B 101 -14.51 0.41 15.75
C LEU B 101 -14.18 1.69 15.04
N GLU B 102 -14.83 2.78 15.46
CA GLU B 102 -14.63 4.09 14.87
C GLU B 102 -13.21 4.58 15.12
N GLU B 103 -12.81 5.60 14.37
CA GLU B 103 -11.44 6.10 14.45
C GLU B 103 -11.16 6.64 15.87
N ASP B 104 -10.00 6.28 16.42
CA ASP B 104 -9.61 6.53 17.83
C ASP B 104 -10.47 5.81 18.88
N ALA B 105 -11.23 4.80 18.48
CA ALA B 105 -11.77 3.86 19.45
C ALA B 105 -10.71 2.78 19.78
N VAL B 106 -10.67 2.37 21.03
CA VAL B 106 -9.78 1.32 21.52
C VAL B 106 -10.61 0.41 22.43
N LEU B 107 -10.61 -0.89 22.15
CA LEU B 107 -11.12 -1.88 23.10
C LEU B 107 -9.93 -2.40 23.91
N SER B 108 -9.96 -2.10 25.21
CA SER B 108 -8.95 -2.50 26.17
C SER B 108 -9.53 -3.70 26.94
N PHE B 109 -8.98 -4.89 26.67
CA PHE B 109 -9.48 -6.14 27.24
C PHE B 109 -8.75 -6.44 28.55
N THR B 110 -9.51 -6.84 29.58
CA THR B 110 -8.92 -7.13 30.91
C THR B 110 -8.05 -8.35 30.81
N ASP B 111 -7.09 -8.46 31.72
CA ASP B 111 -6.26 -9.67 31.88
C ASP B 111 -6.63 -10.48 33.14
N ASN B 112 -7.87 -10.34 33.63
CA ASN B 112 -8.35 -11.18 34.75
C ASN B 112 -8.95 -12.46 34.17
N PRO B 113 -8.31 -13.63 34.39
CA PRO B 113 -8.85 -14.88 33.83
C PRO B 113 -10.31 -15.21 34.20
N GLU B 114 -10.77 -14.78 35.37
CA GLU B 114 -12.17 -15.07 35.78
C GLU B 114 -13.20 -14.35 34.89
N ASP B 115 -12.85 -13.19 34.31
CA ASP B 115 -13.72 -12.51 33.30
C ASP B 115 -13.99 -13.32 32.02
N TYR B 116 -13.17 -14.35 31.74
CA TYR B 116 -13.26 -15.20 30.54
C TYR B 116 -13.85 -16.58 30.85
N LEU B 117 -14.49 -16.71 32.02
CA LEU B 117 -15.28 -17.90 32.37
C LEU B 117 -16.77 -17.48 32.29
N PRO B 118 -17.68 -18.42 32.05
CA PRO B 118 -17.45 -19.84 31.90
C PRO B 118 -16.78 -20.24 30.56
N ALA B 119 -16.20 -21.43 30.55
CA ALA B 119 -15.53 -21.98 29.39
C ALA B 119 -16.47 -22.06 28.18
N VAL B 120 -15.89 -22.09 26.98
CA VAL B 120 -16.67 -22.21 25.74
C VAL B 120 -15.99 -23.22 24.80
N THR B 122 -14.03 -24.57 21.71
CA THR B 122 -12.91 -23.94 20.97
C THR B 122 -11.89 -25.01 20.54
N SER B 123 -10.72 -24.57 20.07
CA SER B 123 -9.63 -25.46 19.67
C SER B 123 -8.31 -24.81 20.08
N TRP B 124 -7.42 -25.60 20.69
CA TRP B 124 -6.20 -25.08 21.30
C TRP B 124 -5.03 -25.93 20.82
N GLU B 125 -4.11 -25.31 20.08
CA GLU B 125 -3.00 -25.99 19.39
C GLU B 125 -3.41 -27.24 18.60
N GLY B 126 -4.52 -27.12 17.86
CA GLY B 126 -5.01 -28.20 16.99
C GLY B 126 -5.79 -29.31 17.69
N LEU B 127 -6.25 -29.04 18.92
CA LEU B 127 -7.02 -30.00 19.77
C LEU B 127 -8.33 -29.40 20.27
N GLU B 128 -9.48 -30.00 19.93
CA GLU B 128 -10.78 -29.45 20.36
C GLU B 128 -10.93 -29.60 21.88
N CYS B 129 -11.50 -28.60 22.53
CA CYS B 129 -11.70 -28.61 23.98
C CYS B 129 -12.61 -27.48 24.40
N TYR B 130 -12.89 -27.43 25.70
CA TYR B 130 -13.51 -26.27 26.35
C TYR B 130 -12.46 -25.51 27.12
N ASN B 131 -12.41 -24.19 26.94
CA ASN B 131 -11.38 -23.34 27.55
C ASN B 131 -11.87 -21.91 27.74
N TYR B 132 -11.10 -21.11 28.49
CA TYR B 132 -11.36 -19.66 28.65
C TYR B 132 -11.82 -19.06 27.35
N SER B 133 -12.80 -18.17 27.42
CA SER B 133 -13.38 -17.57 26.24
C SER B 133 -12.33 -16.74 25.48
N PRO B 134 -12.25 -16.95 24.15
CA PRO B 134 -11.56 -15.99 23.30
C PRO B 134 -12.06 -14.56 23.55
N LEU B 135 -11.21 -13.57 23.35
CA LEU B 135 -11.61 -12.18 23.63
C LEU B 135 -12.72 -11.68 22.69
N LEU B 136 -12.68 -12.19 21.44
CA LEU B 136 -13.72 -11.97 20.46
C LEU B 136 -14.12 -13.32 19.89
N TYR B 137 -15.30 -13.80 20.27
CA TYR B 137 -15.73 -15.18 20.05
C TYR B 137 -17.02 -15.23 19.26
N ALA B 138 -17.09 -16.17 18.33
CA ALA B 138 -18.30 -16.40 17.52
C ALA B 138 -18.41 -17.86 17.25
N PHE B 139 -19.56 -18.45 17.58
CA PHE B 139 -19.78 -19.87 17.42
C PHE B 139 -21.05 -20.09 16.61
N GLU B 140 -20.92 -20.77 15.46
CA GLU B 140 -22.02 -21.09 14.55
C GLU B 140 -22.91 -19.91 14.22
N CYS B 141 -22.28 -18.82 13.84
CA CYS B 141 -22.97 -17.62 13.41
C CYS B 141 -22.82 -17.43 11.90
N GLU B 142 -23.74 -16.66 11.31
CA GLU B 142 -23.62 -16.23 9.91
C GLU B 142 -23.60 -14.71 9.88
N ASN B 143 -22.85 -14.16 8.92
CA ASN B 143 -22.79 -12.73 8.64
C ASN B 143 -22.24 -11.91 9.80
N VAL B 144 -21.07 -12.32 10.29
CA VAL B 144 -20.38 -11.62 11.39
C VAL B 144 -19.19 -10.82 10.86
N ALA B 145 -19.04 -9.60 11.37
CA ALA B 145 -18.00 -8.69 10.93
C ALA B 145 -17.35 -7.88 12.07
N ILE B 146 -16.10 -7.46 11.85
CA ILE B 146 -15.44 -6.42 12.62
C ILE B 146 -14.87 -5.47 11.60
N SER B 147 -15.11 -4.17 11.78
CA SER B 147 -14.69 -3.15 10.83
C SER B 147 -14.33 -1.82 11.48
N GLY B 148 -13.82 -0.91 10.66
CA GLY B 148 -13.52 0.47 11.03
C GLY B 148 -12.05 0.68 11.27
N LYS B 149 -11.68 1.93 11.52
CA LYS B 149 -10.28 2.31 11.74
C LYS B 149 -9.77 2.24 13.21
N GLY B 150 -10.56 1.70 14.14
CA GLY B 150 -10.17 1.58 15.55
C GLY B 150 -9.23 0.42 15.86
N THR B 151 -9.06 0.14 17.15
CA THR B 151 -7.99 -0.77 17.65
C THR B 151 -8.46 -1.82 18.66
N LEU B 152 -7.85 -3.00 18.61
CA LEU B 152 -8.02 -4.06 19.61
C LEU B 152 -6.73 -4.16 20.41
N GLN B 153 -6.81 -3.95 21.73
CA GLN B 153 -5.62 -3.78 22.57
C GLN B 153 -5.73 -4.52 23.90
N PRO B 154 -5.45 -5.83 23.89
CA PRO B 154 -5.55 -6.55 25.16
C PRO B 154 -4.46 -6.16 26.16
N LYS B 155 -4.85 -6.04 27.43
CA LYS B 155 -3.85 -5.97 28.51
C LYS B 155 -3.17 -7.32 28.60
N GLY B 157 -0.51 -8.27 31.07
CA GLY B 157 0.13 -8.63 32.38
C GLY B 157 0.11 -10.10 32.79
N THR B 158 -1.09 -10.62 33.07
CA THR B 158 -1.26 -12.00 33.51
C THR B 158 -0.85 -13.04 32.46
N TRP B 159 -1.16 -12.76 31.20
CA TRP B 159 -0.95 -13.77 30.15
C TRP B 159 0.52 -14.03 29.93
N LYS B 160 1.36 -13.01 30.11
CA LYS B 160 2.82 -13.23 30.03
C LYS B 160 3.37 -14.22 31.09
N VAL B 161 2.75 -14.24 32.27
CA VAL B 161 3.08 -15.22 33.29
C VAL B 161 2.74 -16.63 32.78
N TRP B 162 1.65 -16.74 32.03
CA TRP B 162 1.23 -18.02 31.44
C TRP B 162 2.05 -18.47 30.22
N PHE B 163 3.01 -17.67 29.77
CA PHE B 163 4.05 -18.17 28.84
C PHE B 163 4.89 -19.31 29.42
N LYS B 164 5.15 -19.32 30.74
CA LYS B 164 5.99 -20.37 31.31
C LYS B 164 5.35 -21.78 31.26
N ARG B 165 6.18 -22.81 31.43
CA ARG B 165 5.73 -24.20 31.35
C ARG B 165 6.02 -25.01 32.62
N PRO B 166 5.47 -24.59 33.78
CA PRO B 166 5.67 -25.35 35.02
C PRO B 166 4.86 -26.64 35.03
N ALA B 167 5.03 -27.45 36.07
CA ALA B 167 4.46 -28.80 36.08
C ALA B 167 2.91 -28.90 35.87
N PRO B 168 2.10 -28.02 36.51
CA PRO B 168 0.65 -28.08 36.31
C PRO B 168 0.16 -27.80 34.88
N HIS B 169 0.86 -26.92 34.17
CA HIS B 169 0.58 -26.65 32.75
C HIS B 169 0.94 -27.86 31.89
N LEU B 170 2.11 -28.47 32.14
CA LEU B 170 2.50 -29.68 31.39
C LEU B 170 1.54 -30.85 31.59
N GLN B 171 1.03 -30.99 32.81
CA GLN B 171 -0.02 -31.96 33.10
C GLN B 171 -1.28 -31.69 32.25
N ALA B 172 -1.73 -30.44 32.18
CA ALA B 172 -2.90 -30.10 31.36
C ALA B 172 -2.72 -30.41 29.85
N LEU B 173 -1.52 -30.17 29.31
CA LEU B 173 -1.23 -30.52 27.91
C LEU B 173 -1.27 -32.03 27.67
N LYS B 174 -0.71 -32.81 28.60
CA LYS B 174 -0.82 -34.27 28.55
C LYS B 174 -2.27 -34.78 28.58
N GLU B 175 -3.09 -34.19 29.44
CA GLU B 175 -4.50 -34.57 29.55
C GLU B 175 -5.27 -34.26 28.26
N LEU B 176 -5.13 -33.05 27.75
CA LEU B 176 -5.78 -32.66 26.51
C LEU B 176 -5.43 -33.62 25.36
N TYR B 177 -4.13 -33.87 25.15
CA TYR B 177 -3.64 -34.72 24.07
C TYR B 177 -4.14 -36.16 24.21
N THR B 178 -4.08 -36.72 25.43
CA THR B 178 -4.55 -38.09 25.69
C THR B 178 -6.04 -38.22 25.37
N LYS B 179 -6.83 -37.27 25.85
CA LYS B 179 -8.27 -37.29 25.65
C LYS B 179 -8.62 -37.14 24.16
N ALA B 180 -8.03 -36.12 23.52
CA ALA B 180 -8.25 -35.88 22.10
C ALA B 180 -7.78 -37.04 21.22
N SER B 181 -6.72 -37.73 21.62
CA SER B 181 -6.13 -38.81 20.80
C SER B 181 -6.77 -40.17 21.03
N THR B 182 -7.70 -40.29 21.96
CA THR B 182 -8.43 -41.54 22.25
C THR B 182 -9.96 -41.36 22.17
N ASN B 183 -10.40 -40.26 21.52
CA ASN B 183 -11.81 -39.95 21.23
C ASN B 183 -12.72 -39.73 22.44
N VAL B 184 -12.15 -39.22 23.53
CA VAL B 184 -12.94 -38.83 24.68
C VAL B 184 -13.82 -37.66 24.25
N PRO B 185 -15.13 -37.68 24.56
CA PRO B 185 -16.02 -36.60 24.10
C PRO B 185 -15.51 -35.21 24.45
N VAL B 186 -15.78 -34.24 23.59
CA VAL B 186 -15.21 -32.89 23.70
C VAL B 186 -15.68 -32.20 24.99
N ILE B 187 -16.95 -32.41 25.38
CA ILE B 187 -17.46 -31.82 26.63
C ILE B 187 -16.74 -32.33 27.90
N GLU B 188 -16.11 -33.50 27.82
CA GLU B 188 -15.25 -34.01 28.90
C GLU B 188 -13.82 -33.47 28.87
N ARG B 189 -13.52 -32.50 28.01
CA ARG B 189 -12.18 -31.89 27.92
C ARG B 189 -12.31 -30.48 28.47
N GLN B 190 -12.53 -30.40 29.80
CA GLN B 190 -12.74 -29.11 30.47
C GLN B 190 -11.38 -28.59 30.95
N ALA B 192 -10.31 -25.27 31.58
CA ALA B 192 -10.18 -24.02 32.34
C ALA B 192 -10.36 -24.24 33.85
N ILE B 193 -9.42 -25.00 34.42
CA ILE B 193 -9.49 -25.57 35.78
C ILE B 193 -8.13 -25.38 36.46
N GLY B 194 -8.14 -24.97 37.73
CA GLY B 194 -6.93 -24.87 38.55
C GLY B 194 -5.82 -24.10 37.86
N GLU B 195 -4.66 -24.73 37.74
CA GLU B 195 -3.48 -24.07 37.19
C GLU B 195 -3.11 -24.55 35.78
N ASN B 196 -4.11 -25.05 35.06
CA ASN B 196 -3.93 -25.52 33.67
C ASN B 196 -3.30 -24.42 32.81
N HIS B 197 -3.89 -23.23 32.87
CA HIS B 197 -3.31 -21.99 32.32
C HIS B 197 -3.05 -22.04 30.77
N LEU B 198 -4.06 -22.48 30.01
CA LEU B 198 -4.07 -22.37 28.52
C LEU B 198 -4.61 -20.99 28.15
N ARG B 199 -3.76 -20.16 27.52
CA ARG B 199 -4.12 -18.76 27.20
C ARG B 199 -5.25 -18.69 26.15
N PRO B 200 -6.20 -17.73 26.32
CA PRO B 200 -7.24 -17.55 25.30
C PRO B 200 -6.79 -16.81 24.01
N HIS B 201 -7.41 -17.17 22.88
CA HIS B 201 -7.18 -16.52 21.58
C HIS B 201 -7.67 -15.08 21.62
N LEU B 202 -7.15 -14.23 20.75
CA LEU B 202 -7.72 -12.89 20.59
C LEU B 202 -9.03 -12.99 19.76
N ILE B 203 -8.92 -13.23 18.44
CA ILE B 203 -10.08 -13.54 17.59
C ILE B 203 -10.18 -15.05 17.35
N HIS B 204 -11.35 -15.64 17.64
CA HIS B 204 -11.66 -17.06 17.31
C HIS B 204 -13.08 -17.19 16.83
N PHE B 205 -13.25 -17.32 15.51
CA PHE B 205 -14.56 -17.63 14.91
C PHE B 205 -14.58 -19.10 14.56
N ASN B 206 -15.63 -19.78 15.00
CA ASN B 206 -15.75 -21.23 15.03
C ASN B 206 -17.04 -21.61 14.29
N ARG B 207 -16.89 -22.31 13.16
CA ARG B 207 -18.03 -22.81 12.37
C ARG B 207 -18.94 -21.70 11.90
N CYS B 208 -18.38 -20.58 11.49
CA CYS B 208 -19.18 -19.47 10.96
C CYS B 208 -19.19 -19.44 9.41
N LYS B 209 -20.16 -18.70 8.87
CA LYS B 209 -20.32 -18.45 7.43
C LYS B 209 -20.33 -16.96 7.15
N ASN B 210 -19.61 -16.52 6.11
CA ASN B 210 -19.60 -15.13 5.65
C ASN B 210 -19.02 -14.19 6.71
N VAL B 211 -17.71 -14.30 6.88
CA VAL B 211 -16.92 -13.49 7.81
C VAL B 211 -16.32 -12.30 7.07
N LEU B 213 -13.48 -9.24 8.05
CA LEU B 213 -12.60 -8.41 8.87
C LEU B 213 -12.03 -7.30 8.00
N ASP B 214 -12.29 -6.05 8.35
CA ASP B 214 -11.95 -4.94 7.47
C ASP B 214 -11.50 -3.66 8.18
N GLY B 215 -10.25 -3.26 7.97
CA GLY B 215 -9.78 -1.91 8.28
C GLY B 215 -9.08 -1.61 9.60
N PHE B 216 -9.20 -2.51 10.57
CA PHE B 216 -8.82 -2.19 11.98
C PHE B 216 -7.39 -2.58 12.36
N LYS B 217 -6.96 -2.13 13.54
CA LYS B 217 -5.63 -2.39 14.05
C LYS B 217 -5.65 -3.42 15.18
N ILE B 218 -4.58 -4.20 15.29
CA ILE B 218 -4.39 -5.15 16.41
C ILE B 218 -3.08 -4.80 17.10
N ARG B 219 -3.10 -4.70 18.43
CA ARG B 219 -1.90 -4.43 19.22
C ARG B 219 -1.78 -5.44 20.35
N GLU B 220 -1.04 -6.51 20.08
CA GLU B 220 -0.83 -7.67 20.94
C GLU B 220 -2.02 -8.67 20.99
N SER B 221 -1.72 -9.85 21.53
CA SER B 221 -2.68 -10.97 21.63
C SER B 221 -2.22 -11.97 22.70
N PRO B 222 -3.14 -12.43 23.57
CA PRO B 222 -2.74 -13.42 24.58
C PRO B 222 -2.31 -14.77 24.02
N PHE B 223 -2.93 -15.19 22.91
CA PHE B 223 -2.58 -16.47 22.26
C PHE B 223 -2.66 -16.25 20.74
N TRP B 224 -3.32 -17.11 19.95
CA TRP B 224 -3.36 -16.92 18.50
C TRP B 224 -4.17 -15.66 18.19
N THR B 225 -3.64 -14.87 17.26
CA THR B 225 -4.14 -13.52 17.01
C THR B 225 -5.48 -13.53 16.29
N ILE B 226 -5.52 -14.19 15.14
CA ILE B 226 -6.74 -14.31 14.31
C ILE B 226 -6.88 -15.78 13.89
N HIS B 227 -7.84 -16.49 14.49
CA HIS B 227 -8.02 -17.91 14.30
C HIS B 227 -9.38 -18.13 13.68
N LEU B 228 -9.39 -18.44 12.38
CA LEU B 228 -10.62 -18.76 11.66
C LEU B 228 -10.68 -20.28 11.51
N TYR B 229 -11.58 -20.88 12.30
CA TYR B 229 -11.62 -22.30 12.55
C TYR B 229 -12.93 -22.88 12.02
N CYS B 231 -14.50 -22.36 9.36
CA CYS B 231 -15.39 -21.35 8.76
C CYS B 231 -15.53 -21.56 7.24
N ASP B 232 -16.63 -21.07 6.66
CA ASP B 232 -16.87 -21.18 5.20
C ASP B 232 -17.31 -19.86 4.63
N GLY B 233 -16.38 -19.22 3.94
CA GLY B 233 -16.65 -18.00 3.17
C GLY B 233 -16.26 -16.75 3.93
N GLY B 234 -15.37 -15.95 3.33
CA GLY B 234 -15.01 -14.69 3.94
C GLY B 234 -13.89 -13.90 3.36
N ILE B 235 -13.73 -12.69 3.90
CA ILE B 235 -12.74 -11.74 3.47
C ILE B 235 -12.04 -11.09 4.66
N VAL B 236 -10.73 -10.90 4.51
CA VAL B 236 -9.90 -10.25 5.49
C VAL B 236 -9.08 -9.22 4.75
N ARG B 237 -9.27 -7.93 5.07
CA ARG B 237 -8.60 -6.88 4.34
C ARG B 237 -8.28 -5.64 5.15
N ASN B 238 -7.25 -4.94 4.69
CA ASN B 238 -6.79 -3.64 5.22
C ASN B 238 -6.46 -3.66 6.71
N LEU B 239 -5.89 -4.74 7.23
CA LEU B 239 -5.56 -4.82 8.66
C LEU B 239 -4.12 -4.43 8.92
N ASP B 240 -3.92 -3.80 10.08
CA ASP B 240 -2.61 -3.44 10.59
C ASP B 240 -2.38 -4.25 11.87
N VAL B 241 -1.64 -5.37 11.75
CA VAL B 241 -1.46 -6.32 12.87
C VAL B 241 -0.04 -6.23 13.44
N ARG B 242 0.05 -6.05 14.76
CA ARG B 242 1.31 -6.08 15.50
C ARG B 242 1.16 -6.93 16.77
N ALA B 243 1.98 -7.96 16.91
CA ALA B 243 1.93 -8.82 18.09
C ALA B 243 3.22 -9.59 18.28
N HIS B 244 3.88 -9.34 19.41
CA HIS B 244 5.21 -9.89 19.69
C HIS B 244 5.32 -10.72 20.94
N GLY B 245 4.23 -11.38 21.35
CA GLY B 245 4.28 -12.36 22.43
C GLY B 245 4.53 -13.76 21.91
N HIS B 246 4.14 -14.76 22.68
CA HIS B 246 4.33 -16.16 22.32
C HIS B 246 3.13 -16.63 21.52
N ASN B 247 3.37 -17.48 20.52
CA ASN B 247 2.33 -18.05 19.66
C ASN B 247 1.46 -16.94 18.98
N ASN B 248 2.11 -15.92 18.41
CA ASN B 248 1.44 -14.79 17.77
C ASN B 248 1.74 -14.73 16.26
N ASP B 249 1.10 -15.61 15.49
CA ASP B 249 1.07 -15.48 14.03
C ASP B 249 0.13 -14.33 13.67
N GLY B 250 0.28 -13.80 12.45
CA GLY B 250 -0.60 -12.75 11.93
C GLY B 250 -2.04 -13.22 11.68
N ILE B 251 -2.16 -14.38 11.02
CA ILE B 251 -3.44 -15.07 10.87
C ILE B 251 -3.25 -16.61 10.76
N ASP B 252 -4.15 -17.37 11.40
CA ASP B 252 -4.14 -18.84 11.40
C ASP B 252 -5.46 -19.38 10.86
N PHE B 253 -5.45 -19.87 9.62
CA PHE B 253 -6.61 -20.56 9.01
C PHE B 253 -6.52 -22.02 9.43
N GLU B 254 -7.60 -22.55 10.00
CA GLU B 254 -7.59 -23.95 10.41
C GLU B 254 -8.90 -24.64 10.02
N SER B 256 -10.61 -24.31 7.41
CA SER B 256 -11.53 -23.34 6.82
C SER B 256 -11.44 -23.36 5.27
N ARG B 257 -12.40 -22.72 4.61
CA ARG B 257 -12.47 -22.73 3.14
C ARG B 257 -13.07 -21.45 2.56
N ASN B 258 -12.63 -21.12 1.35
CA ASN B 258 -13.16 -20.00 0.57
C ASN B 258 -12.94 -18.63 1.24
N PHE B 259 -11.68 -18.30 1.49
CA PHE B 259 -11.28 -16.98 2.01
C PHE B 259 -10.33 -16.23 1.07
N LEU B 260 -10.48 -14.90 1.08
CA LEU B 260 -9.55 -13.95 0.48
C LEU B 260 -8.92 -13.07 1.58
N VAL B 261 -7.59 -12.95 1.57
CA VAL B 261 -6.83 -12.03 2.46
C VAL B 261 -6.14 -11.01 1.56
N GLU B 262 -6.39 -9.73 1.76
CA GLU B 262 -5.74 -8.71 0.93
C GLU B 262 -5.40 -7.39 1.63
N ASP B 263 -4.30 -6.77 1.20
CA ASP B 263 -3.87 -5.43 1.64
C ASP B 263 -3.60 -5.31 3.15
N CYS B 264 -3.01 -6.34 3.76
CA CYS B 264 -2.73 -6.35 5.19
C CYS B 264 -1.23 -6.17 5.43
N SER B 265 -0.88 -5.62 6.60
CA SER B 265 0.48 -5.58 7.12
C SER B 265 0.59 -6.41 8.38
N PHE B 266 1.65 -7.23 8.46
CA PHE B 266 1.92 -8.14 9.56
C PHE B 266 3.30 -7.85 10.16
N ASP B 267 3.32 -7.63 11.48
CA ASP B 267 4.50 -7.35 12.28
C ASP B 267 4.44 -8.28 13.52
N GLN B 268 5.12 -9.42 13.44
CA GLN B 268 4.87 -10.55 14.32
C GLN B 268 6.12 -11.09 15.02
N GLY B 269 5.91 -11.66 16.22
CA GLY B 269 6.91 -12.51 16.88
C GLY B 269 7.08 -13.84 16.17
N ASP B 270 6.02 -14.33 15.50
CA ASP B 270 6.09 -15.60 14.76
C ASP B 270 5.92 -15.40 13.25
N ASP B 271 4.92 -16.01 12.61
CA ASP B 271 4.80 -16.00 11.13
C ASP B 271 3.65 -15.09 10.68
N ALA B 272 3.66 -14.75 9.38
CA ALA B 272 2.62 -13.89 8.84
C ALA B 272 1.31 -14.65 8.56
N VAL B 273 1.27 -15.45 7.49
CA VAL B 273 0.06 -16.19 7.15
C VAL B 273 0.35 -17.67 7.34
N VAL B 274 -0.52 -18.34 8.09
CA VAL B 274 -0.30 -19.76 8.43
C VAL B 274 -1.56 -20.60 8.19
N ILE B 275 -1.39 -21.77 7.58
CA ILE B 275 -2.48 -22.66 7.17
C ILE B 275 -2.34 -24.01 7.90
N LYS B 276 -3.41 -24.41 8.58
CA LYS B 276 -3.43 -25.57 9.50
C LYS B 276 -4.68 -26.40 9.30
N ALA B 277 -4.66 -27.61 9.89
CA ALA B 277 -5.80 -28.52 9.88
C ALA B 277 -5.75 -29.59 11.00
N GLY B 278 -5.41 -29.16 12.23
CA GLY B 278 -5.48 -29.99 13.42
C GLY B 278 -4.34 -30.97 13.62
N ARG B 279 -4.37 -31.65 14.78
CA ARG B 279 -3.26 -32.47 15.28
C ARG B 279 -3.69 -33.94 15.48
N ASN B 280 -3.23 -34.79 14.56
CA ASN B 280 -3.32 -36.26 14.65
C ASN B 280 -4.79 -36.77 14.73
N GLN B 281 -5.07 -37.73 15.63
CA GLN B 281 -6.35 -38.47 15.63
C GLN B 281 -7.55 -37.57 15.71
N ASP B 282 -7.49 -36.54 16.54
CA ASP B 282 -8.60 -35.60 16.72
C ASP B 282 -8.97 -34.92 15.38
N ALA B 283 -7.94 -34.63 14.59
CA ALA B 283 -8.17 -34.04 13.27
C ALA B 283 -8.75 -35.06 12.29
N TRP B 284 -8.28 -36.31 12.35
CA TRP B 284 -8.78 -37.40 11.50
C TRP B 284 -10.28 -37.62 11.74
N ARG B 285 -10.69 -37.59 13.03
CA ARG B 285 -12.10 -37.63 13.42
C ARG B 285 -12.94 -36.55 12.73
N LEU B 286 -12.52 -35.30 12.79
CA LEU B 286 -13.28 -34.19 12.18
C LEU B 286 -13.26 -34.18 10.63
N ASN B 287 -12.21 -34.73 10.02
CA ASN B 287 -12.12 -34.93 8.56
C ASN B 287 -12.54 -33.72 7.66
N THR B 288 -12.05 -32.52 8.00
CA THR B 288 -12.39 -31.27 7.31
C THR B 288 -11.09 -30.57 6.86
N PRO B 289 -10.75 -30.62 5.55
CA PRO B 289 -9.51 -29.96 5.09
C PRO B 289 -9.58 -28.45 5.10
N CYS B 290 -8.41 -27.81 5.14
CA CYS B 290 -8.31 -26.37 4.92
C CYS B 290 -8.03 -26.19 3.44
N GLU B 291 -8.82 -25.36 2.74
CA GLU B 291 -8.71 -25.28 1.27
C GLU B 291 -9.26 -24.00 0.68
N ASN B 292 -8.82 -23.68 -0.55
CA ASN B 292 -9.36 -22.54 -1.31
C ASN B 292 -9.16 -21.20 -0.57
N ILE B 293 -7.90 -20.90 -0.29
CA ILE B 293 -7.50 -19.67 0.39
C ILE B 293 -6.55 -18.91 -0.53
N VAL B 294 -6.86 -17.64 -0.77
CA VAL B 294 -6.03 -16.77 -1.59
C VAL B 294 -5.56 -15.56 -0.78
N ILE B 295 -4.26 -15.27 -0.85
CA ILE B 295 -3.66 -14.10 -0.22
C ILE B 295 -2.98 -13.23 -1.29
N ARG B 296 -3.27 -11.93 -1.32
CA ARG B 296 -2.64 -11.01 -2.28
C ARG B 296 -2.38 -9.60 -1.71
N ASN B 297 -1.36 -8.93 -2.25
CA ASN B 297 -0.99 -7.56 -1.87
C ASN B 297 -0.84 -7.38 -0.36
N CYS B 298 -0.12 -8.28 0.28
CA CYS B 298 0.19 -8.20 1.69
C CYS B 298 1.68 -7.99 1.89
N ARG B 299 2.03 -7.56 3.10
CA ARG B 299 3.38 -7.23 3.45
C ARG B 299 3.73 -7.80 4.83
N ILE B 300 4.91 -8.41 4.96
CA ILE B 300 5.46 -8.77 6.27
C ILE B 300 6.60 -7.83 6.62
N LEU B 301 6.45 -7.10 7.75
CA LEU B 301 7.48 -6.17 8.27
C LEU B 301 8.49 -6.82 9.22
N LYS B 302 8.00 -7.73 10.06
CA LYS B 302 8.82 -8.53 10.97
C LYS B 302 8.14 -9.88 11.17
N GLY B 303 8.95 -10.89 11.45
CA GLY B 303 8.48 -12.26 11.62
C GLY B 303 9.37 -13.23 10.87
N HIS B 304 9.16 -14.51 11.14
CA HIS B 304 10.08 -15.56 10.70
C HIS B 304 9.73 -16.14 9.33
N THR B 305 8.46 -16.15 8.97
CA THR B 305 7.99 -16.79 7.76
C THR B 305 6.82 -16.01 7.17
N LEU B 306 6.85 -15.85 5.85
CA LEU B 306 5.77 -15.19 5.13
C LEU B 306 4.56 -16.13 4.96
N LEU B 307 4.75 -17.30 4.34
CA LEU B 307 3.70 -18.32 4.17
C LEU B 307 4.17 -19.62 4.80
N GLY B 308 3.47 -20.03 5.85
CA GLY B 308 3.76 -21.27 6.58
C GLY B 308 2.62 -22.28 6.44
N ILE B 309 2.96 -23.54 6.17
CA ILE B 309 1.99 -24.62 6.13
C ILE B 309 2.36 -25.56 7.29
N GLY B 310 1.44 -25.74 8.23
CA GLY B 310 1.61 -26.70 9.30
C GLY B 310 2.26 -26.11 10.54
N SER B 311 2.88 -26.92 11.41
CA SER B 311 3.05 -28.37 11.23
C SER B 311 1.77 -29.21 11.46
N GLU B 312 0.73 -28.58 12.01
CA GLU B 312 -0.57 -29.24 12.24
C GLU B 312 -1.36 -29.24 10.93
N ILE B 313 -1.33 -30.36 10.23
CA ILE B 313 -1.92 -30.50 8.88
C ILE B 313 -2.87 -31.68 8.73
N SER B 314 -3.24 -32.30 9.86
CA SER B 314 -3.70 -33.70 9.83
C SER B 314 -5.01 -33.94 9.08
N GLY B 315 -5.88 -32.95 9.09
CA GLY B 315 -7.15 -33.02 8.37
C GLY B 315 -7.03 -32.79 6.87
N GLY B 316 -5.87 -32.37 6.38
CA GLY B 316 -5.64 -32.14 4.96
C GLY B 316 -5.56 -30.67 4.60
N ILE B 317 -4.64 -30.32 3.71
CA ILE B 317 -4.48 -28.97 3.20
C ILE B 317 -4.39 -29.02 1.68
N ARG B 318 -5.14 -28.16 1.00
CA ARG B 318 -5.21 -28.20 -0.46
C ARG B 318 -5.59 -26.85 -1.07
N ASN B 319 -4.91 -26.40 -2.13
CA ASN B 319 -5.35 -25.21 -2.93
C ASN B 319 -5.22 -23.90 -2.17
N ILE B 320 -3.97 -23.53 -1.93
CA ILE B 320 -3.55 -22.31 -1.27
C ILE B 320 -2.71 -21.53 -2.26
N TYR B 321 -2.97 -20.22 -2.40
CA TYR B 321 -2.25 -19.32 -3.35
C TYR B 321 -1.92 -17.97 -2.70
N HIS B 323 0.09 -14.41 -3.78
CA HIS B 323 0.77 -13.63 -4.84
C HIS B 323 0.83 -12.12 -4.60
N ASP B 324 1.83 -11.49 -5.24
CA ASP B 324 2.04 -10.04 -5.20
C ASP B 324 2.19 -9.56 -3.74
N CYS B 325 3.06 -10.21 -2.99
CA CYS B 325 3.34 -9.88 -1.60
C CYS B 325 4.81 -9.50 -1.47
N THR B 326 5.17 -8.83 -0.37
CA THR B 326 6.55 -8.42 -0.09
C THR B 326 7.02 -8.71 1.33
N ALA B 327 8.32 -8.95 1.44
CA ALA B 327 8.98 -9.18 2.70
C ALA B 327 10.28 -8.38 2.70
N PRO B 328 10.17 -7.03 2.83
CA PRO B 328 11.32 -6.15 2.60
C PRO B 328 12.50 -6.29 3.56
N ASN B 329 12.28 -6.79 4.78
CA ASN B 329 13.32 -6.88 5.81
C ASN B 329 13.88 -8.33 5.88
N SER B 330 14.02 -8.93 7.07
CA SER B 330 14.62 -10.27 7.22
C SER B 330 13.64 -11.33 7.70
N VAL B 331 13.66 -12.50 7.07
CA VAL B 331 12.90 -13.68 7.49
C VAL B 331 13.84 -14.86 7.68
N ARG B 333 12.52 -18.17 6.90
CA ARG B 333 12.11 -18.99 5.76
C ARG B 333 10.94 -18.33 5.08
N LEU B 334 11.10 -17.90 3.83
CA LEU B 334 10.03 -17.19 3.11
C LEU B 334 8.77 -18.05 2.93
N PHE B 335 8.99 -19.28 2.47
CA PHE B 335 7.93 -20.27 2.18
C PHE B 335 8.32 -21.55 2.93
N PHE B 336 7.53 -21.97 3.92
CA PHE B 336 7.93 -23.05 4.87
C PHE B 336 6.81 -24.06 4.99
N VAL B 337 7.07 -25.31 4.56
CA VAL B 337 6.11 -26.42 4.62
C VAL B 337 6.58 -27.46 5.66
N LYS B 338 5.73 -27.77 6.65
CA LYS B 338 6.09 -28.62 7.83
C LYS B 338 5.12 -29.77 8.14
N THR B 339 5.67 -30.89 8.61
CA THR B 339 4.87 -31.99 9.16
C THR B 339 5.78 -32.88 10.04
N ASN B 340 5.22 -33.97 10.57
CA ASN B 340 6.00 -34.99 11.31
C ASN B 340 5.31 -36.35 11.21
N HIS B 341 6.02 -37.39 11.64
CA HIS B 341 5.57 -38.80 11.48
C HIS B 341 4.23 -39.14 12.18
N ARG B 342 3.75 -38.30 13.10
CA ARG B 342 2.46 -38.49 13.77
C ARG B 342 1.23 -38.04 12.97
N ARG B 343 1.43 -37.20 11.97
CA ARG B 343 0.35 -36.36 11.40
C ARG B 343 -0.63 -37.00 10.45
N GLY B 344 -0.18 -37.96 9.63
CA GLY B 344 -1.01 -38.44 8.52
C GLY B 344 -1.42 -37.30 7.60
N GLY B 345 -2.62 -37.40 7.05
CA GLY B 345 -3.16 -36.37 6.17
C GLY B 345 -2.34 -36.16 4.88
N PHE B 346 -2.51 -34.97 4.29
CA PHE B 346 -1.92 -34.60 3.01
C PHE B 346 -1.71 -33.07 2.86
N ILE B 347 -0.76 -32.68 2.04
CA ILE B 347 -0.57 -31.28 1.62
C ILE B 347 -0.46 -31.27 0.09
N GLU B 348 -1.43 -30.65 -0.57
CA GLU B 348 -1.40 -30.65 -2.04
C GLU B 348 -1.74 -29.34 -2.70
N ASN B 349 -1.00 -29.01 -3.76
CA ASN B 349 -1.26 -27.82 -4.58
C ASN B 349 -1.22 -26.50 -3.80
N ILE B 350 -0.01 -26.16 -3.38
CA ILE B 350 0.32 -24.92 -2.70
C ILE B 350 1.19 -24.08 -3.65
N TYR B 351 0.79 -22.82 -3.87
CA TYR B 351 1.42 -21.91 -4.85
C TYR B 351 1.86 -20.56 -4.26
N LYS B 353 3.61 -16.94 -5.90
CA LYS B 353 3.95 -16.24 -7.15
C LYS B 353 4.14 -14.72 -6.98
N ASN B 354 5.10 -14.13 -7.71
CA ASN B 354 5.35 -12.66 -7.69
C ASN B 354 5.56 -12.14 -6.24
N VAL B 355 6.63 -12.62 -5.61
CA VAL B 355 7.02 -12.18 -4.28
C VAL B 355 8.45 -11.67 -4.30
N ALA B 356 8.66 -10.50 -3.67
CA ALA B 356 9.98 -9.88 -3.50
C ALA B 356 10.38 -9.87 -2.02
N SER B 357 11.60 -10.32 -1.75
CA SER B 357 12.16 -10.47 -0.41
C SER B 357 13.49 -9.74 -0.29
N GLY B 358 13.78 -9.21 0.90
CA GLY B 358 15.10 -8.61 1.19
C GLY B 358 16.14 -9.67 1.55
N THR B 359 16.05 -10.15 2.78
CA THR B 359 16.98 -11.13 3.34
C THR B 359 16.21 -12.35 3.87
N ALA B 360 16.77 -13.54 3.61
CA ALA B 360 16.15 -14.82 4.04
C ALA B 360 17.21 -15.86 4.33
N GLN B 361 16.98 -16.75 5.29
CA GLN B 361 17.91 -17.88 5.48
C GLN B 361 17.61 -18.97 4.44
N ARG B 362 16.32 -19.16 4.12
CA ARG B 362 15.87 -20.07 3.07
C ARG B 362 14.74 -19.41 2.32
N VAL B 363 14.73 -19.50 1.00
CA VAL B 363 13.59 -19.00 0.22
C VAL B 363 12.45 -20.01 0.33
N LEU B 364 12.74 -21.30 0.10
CA LEU B 364 11.80 -22.41 0.30
C LEU B 364 12.43 -23.49 1.19
N GLU B 365 11.69 -23.96 2.19
CA GLU B 365 12.08 -25.16 2.94
C GLU B 365 10.87 -26.09 3.12
N ILE B 366 11.11 -27.39 2.91
CA ILE B 366 10.16 -28.45 3.25
C ILE B 366 10.86 -29.32 4.29
N ASP B 367 10.29 -29.44 5.48
CA ASP B 367 10.82 -30.27 6.56
C ASP B 367 9.72 -31.22 7.06
N THR B 368 9.91 -32.51 6.83
CA THR B 368 8.88 -33.52 7.12
C THR B 368 9.04 -34.19 8.50
N GLU B 369 9.93 -33.68 9.34
CA GLU B 369 10.01 -34.15 10.75
C GLU B 369 10.33 -33.00 11.69
N VAL B 370 9.35 -32.13 11.90
CA VAL B 370 9.40 -31.03 12.84
C VAL B 370 8.66 -31.45 14.10
N LEU B 371 9.42 -31.74 15.17
CA LEU B 371 8.88 -32.28 16.43
C LEU B 371 9.85 -31.95 17.58
N TYR B 372 9.50 -30.94 18.38
CA TYR B 372 10.34 -30.43 19.49
C TYR B 372 9.55 -30.45 20.81
N GLN B 373 8.67 -29.47 21.02
CA GLN B 373 7.93 -29.31 22.28
C GLN B 373 7.08 -30.51 22.70
N TRP B 374 6.50 -31.22 21.72
CA TRP B 374 5.56 -32.31 22.00
C TRP B 374 6.26 -33.67 21.89
N LYS B 375 7.58 -33.69 21.70
CA LYS B 375 8.31 -34.93 21.44
C LYS B 375 8.41 -35.91 22.61
N ASP B 376 8.85 -35.43 23.77
CA ASP B 376 8.97 -36.26 24.98
C ASP B 376 7.72 -36.18 25.87
N LEU B 377 6.98 -35.07 25.81
CA LEU B 377 5.84 -34.82 26.71
C LEU B 377 4.70 -35.84 26.58
N VAL B 378 4.50 -36.37 25.36
CA VAL B 378 3.44 -37.33 25.07
C VAL B 378 3.98 -38.40 24.12
N PRO B 379 3.31 -39.58 24.07
CA PRO B 379 3.71 -40.62 23.12
C PRO B 379 3.13 -40.48 21.67
N THR B 380 3.74 -41.21 20.75
CA THR B 380 3.22 -41.38 19.40
C THR B 380 2.14 -42.49 19.47
N TYR B 381 0.89 -42.15 19.21
CA TYR B 381 -0.16 -43.18 19.13
C TYR B 381 -0.08 -44.02 17.85
N GLU B 382 0.31 -43.39 16.73
CA GLU B 382 0.45 -44.06 15.46
C GLU B 382 1.39 -43.27 14.53
N LYS B 383 2.29 -43.98 13.89
CA LYS B 383 3.11 -43.44 12.81
C LYS B 383 2.33 -43.51 11.51
N ARG B 384 2.12 -42.35 10.87
CA ARG B 384 1.39 -42.26 9.59
C ARG B 384 1.97 -41.10 8.78
N ILE B 385 2.63 -41.44 7.67
CA ILE B 385 3.41 -40.45 6.92
C ILE B 385 2.48 -39.58 6.03
N THR B 386 2.71 -38.27 6.07
CA THR B 386 1.95 -37.30 5.28
C THR B 386 2.34 -37.38 3.80
N ARG B 387 1.32 -37.39 2.93
CA ARG B 387 1.46 -37.34 1.46
C ARG B 387 1.55 -35.87 1.04
N ILE B 388 2.69 -35.49 0.47
CA ILE B 388 2.93 -34.11 -0.03
C ILE B 388 3.12 -34.14 -1.56
N ASP B 389 2.34 -33.35 -2.28
CA ASP B 389 2.26 -33.42 -3.74
C ASP B 389 1.82 -32.07 -4.32
N GLY B 390 2.73 -31.39 -5.00
CA GLY B 390 2.42 -30.15 -5.74
C GLY B 390 2.76 -28.89 -4.95
N ILE B 391 4.04 -28.52 -4.95
CA ILE B 391 4.55 -27.33 -4.26
C ILE B 391 5.24 -26.45 -5.30
N TYR B 392 4.66 -25.29 -5.60
CA TYR B 392 5.07 -24.45 -6.74
C TYR B 392 5.51 -23.05 -6.31
N ASP B 394 6.95 -19.50 -8.28
CA ASP B 394 7.10 -18.83 -9.59
C ASP B 394 7.36 -17.32 -9.41
N LYS B 395 8.36 -16.78 -10.11
CA LYS B 395 8.66 -15.35 -10.08
C LYS B 395 8.87 -14.81 -8.65
N VAL B 396 9.90 -15.33 -7.97
CA VAL B 396 10.27 -14.89 -6.63
C VAL B 396 11.69 -14.33 -6.64
N THR B 397 11.88 -13.14 -6.07
CA THR B 397 13.22 -12.54 -5.97
C THR B 397 13.61 -12.43 -4.50
N CYS B 398 14.89 -12.65 -4.21
CA CYS B 398 15.48 -12.41 -2.87
C CYS B 398 16.87 -11.77 -3.02
N GLU B 399 17.16 -10.70 -2.26
CA GLU B 399 18.45 -10.01 -2.40
C GLU B 399 19.59 -10.78 -1.78
N SER B 400 19.41 -11.29 -0.57
CA SER B 400 20.42 -12.16 0.08
C SER B 400 19.76 -13.34 0.74
N ALA B 401 20.16 -14.54 0.34
CA ALA B 401 19.69 -15.76 0.99
C ALA B 401 20.88 -16.58 1.46
N ASP B 402 20.73 -17.31 2.57
CA ASP B 402 21.76 -18.31 2.96
C ASP B 402 21.72 -19.51 2.01
N ALA B 403 20.52 -19.97 1.68
CA ALA B 403 20.30 -20.92 0.59
C ALA B 403 19.00 -20.64 -0.12
N VAL B 404 18.91 -21.08 -1.38
CA VAL B 404 17.69 -20.88 -2.16
C VAL B 404 16.61 -21.83 -1.65
N TYR B 405 16.90 -23.13 -1.61
CA TYR B 405 15.94 -24.09 -1.10
C TYR B 405 16.54 -25.35 -0.49
N GLU B 406 15.85 -25.89 0.51
CA GLU B 406 16.28 -27.09 1.24
C GLU B 406 15.05 -27.99 1.46
N LEU B 407 15.06 -29.17 0.81
CA LEU B 407 13.93 -30.14 0.85
C LEU B 407 14.32 -31.45 1.55
N LYS B 408 13.67 -31.72 2.69
CA LYS B 408 13.92 -32.90 3.52
C LYS B 408 12.69 -33.81 3.59
N GLY B 409 12.58 -34.72 2.62
CA GLY B 409 11.48 -35.68 2.57
C GLY B 409 11.67 -36.90 3.44
N ASN B 410 10.62 -37.71 3.50
CA ASN B 410 10.63 -39.01 4.19
C ASN B 410 10.86 -40.12 3.14
N ALA B 411 11.82 -41.00 3.42
CA ALA B 411 12.21 -42.10 2.50
C ALA B 411 11.07 -43.08 2.21
N GLU B 412 10.19 -43.33 3.20
CA GLU B 412 9.03 -44.21 2.99
C GLU B 412 7.93 -43.64 2.07
N LEU B 413 7.84 -42.31 1.94
CA LEU B 413 6.82 -41.69 1.07
C LEU B 413 7.32 -40.32 0.56
N PRO B 414 8.17 -40.37 -0.49
CA PRO B 414 8.83 -39.15 -0.98
C PRO B 414 7.84 -38.05 -1.34
N VAL B 415 8.27 -36.80 -1.13
CA VAL B 415 7.56 -35.63 -1.67
C VAL B 415 7.52 -35.74 -3.20
N LYS B 416 6.43 -35.32 -3.84
CA LYS B 416 6.30 -35.34 -5.32
C LYS B 416 5.93 -33.97 -5.89
N ASN B 417 6.48 -33.63 -7.06
CA ASN B 417 6.09 -32.46 -7.87
C ASN B 417 6.36 -31.10 -7.21
N VAL B 418 7.64 -30.78 -7.07
CA VAL B 418 8.08 -29.44 -6.69
C VAL B 418 8.51 -28.72 -7.99
N ARG B 419 8.05 -27.50 -8.18
CA ARG B 419 8.45 -26.67 -9.32
C ARG B 419 8.99 -25.32 -8.81
N ILE B 420 10.22 -25.02 -9.19
CA ILE B 420 10.87 -23.76 -8.88
C ILE B 420 11.20 -23.07 -10.20
N LYS B 421 10.55 -21.94 -10.48
CA LYS B 421 10.62 -21.31 -11.78
C LYS B 421 10.74 -19.78 -11.74
N ASP B 422 11.61 -19.23 -12.57
CA ASP B 422 11.85 -17.79 -12.67
C ASP B 422 12.19 -17.22 -11.27
N VAL B 423 13.19 -17.81 -10.63
CA VAL B 423 13.57 -17.44 -9.27
C VAL B 423 14.97 -16.84 -9.34
N LYS B 424 15.15 -15.66 -8.75
CA LYS B 424 16.44 -14.96 -8.83
C LYS B 424 16.91 -14.48 -7.45
N VAL B 425 18.12 -14.91 -7.08
CA VAL B 425 18.72 -14.53 -5.81
C VAL B 425 19.98 -13.72 -6.09
N GLY B 426 20.05 -12.52 -5.50
CA GLY B 426 21.16 -11.58 -5.71
C GLY B 426 22.48 -12.04 -5.15
N SER B 427 22.44 -12.70 -4.00
CA SER B 427 23.64 -13.21 -3.35
C SER B 427 23.28 -14.40 -2.47
N VAL B 428 23.88 -15.56 -2.74
CA VAL B 428 23.67 -16.78 -1.93
C VAL B 428 24.87 -16.91 -0.99
N LYS B 429 24.64 -17.09 0.32
CA LYS B 429 25.76 -17.08 1.30
C LYS B 429 26.34 -18.44 1.64
N LYS B 430 25.56 -19.52 1.59
CA LYS B 430 26.10 -20.84 1.99
C LYS B 430 26.08 -21.91 0.89
N PHE B 431 24.91 -22.21 0.34
CA PHE B 431 24.78 -23.20 -0.75
C PHE B 431 23.52 -22.90 -1.52
N VAL B 432 23.44 -23.36 -2.78
CA VAL B 432 22.24 -23.13 -3.58
C VAL B 432 21.08 -23.97 -3.09
N LYS B 433 21.25 -25.28 -3.07
CA LYS B 433 20.17 -26.22 -2.73
C LYS B 433 20.67 -27.49 -2.07
N LYS B 434 19.77 -28.15 -1.34
CA LYS B 434 19.95 -29.48 -0.78
C LYS B 434 18.63 -30.20 -0.87
N VAL B 435 18.65 -31.43 -1.39
CA VAL B 435 17.44 -32.23 -1.56
C VAL B 435 17.67 -33.64 -1.06
N SER B 436 16.71 -34.19 -0.33
CA SER B 436 16.67 -35.62 -0.10
C SER B 436 15.21 -36.12 -0.06
N ASN B 437 15.00 -37.31 -0.62
CA ASN B 437 13.69 -37.98 -0.75
C ASN B 437 12.57 -37.12 -1.35
N VAL B 438 12.83 -36.61 -2.55
CA VAL B 438 11.86 -35.87 -3.36
C VAL B 438 11.92 -36.38 -4.81
N GLU B 439 10.77 -36.63 -5.42
CA GLU B 439 10.67 -36.98 -6.86
C GLU B 439 10.08 -35.83 -7.69
N ASN B 440 10.53 -35.69 -8.94
CA ASN B 440 10.06 -34.64 -9.88
C ASN B 440 10.26 -33.25 -9.34
N VAL B 441 11.51 -32.88 -9.06
CA VAL B 441 11.86 -31.48 -8.84
C VAL B 441 12.18 -30.89 -10.22
N VAL B 442 11.45 -29.88 -10.62
CA VAL B 442 11.66 -29.19 -11.89
C VAL B 442 12.14 -27.78 -11.58
N GLU B 443 13.34 -27.44 -12.05
CA GLU B 443 13.85 -26.07 -11.98
C GLU B 443 13.92 -25.49 -13.38
N LYS B 444 13.41 -24.27 -13.53
CA LYS B 444 13.27 -23.60 -14.80
C LYS B 444 13.66 -22.12 -14.63
N ASN B 445 14.76 -21.70 -15.26
CA ASN B 445 15.28 -20.32 -15.18
C ASN B 445 15.52 -19.83 -13.76
N VAL B 446 16.43 -20.52 -13.08
CA VAL B 446 16.89 -20.16 -11.77
C VAL B 446 18.21 -19.40 -11.94
N THR B 447 18.28 -18.19 -11.38
CA THR B 447 19.47 -17.33 -11.47
C THR B 447 20.08 -17.08 -10.07
N TYR B 448 21.38 -17.29 -9.90
CA TYR B 448 22.07 -16.92 -8.65
C TYR B 448 23.45 -16.30 -8.86
N SER B 449 23.96 -15.68 -7.77
CA SER B 449 25.35 -15.29 -7.63
C SER B 449 25.83 -15.77 -6.26
N GLN B 450 27.13 -16.00 -6.12
CA GLN B 450 27.72 -16.60 -4.92
C GLN B 450 29.22 -16.36 -4.86
N LYS B 451 29.73 -16.10 -3.65
CA LYS B 451 31.17 -16.08 -3.35
C LYS B 451 31.53 -17.16 -2.33
#